data_4V1S
#
_entry.id   4V1S
#
_cell.length_a   81.677
_cell.length_b   121.030
_cell.length_c   125.604
_cell.angle_alpha   90.00
_cell.angle_beta   90.00
_cell.angle_gamma   90.00
#
_symmetry.space_group_name_H-M   'P 2 21 21'
#
loop_
_entity.id
_entity.type
_entity.pdbx_description
1 polymer ALPHA-1,6-MANNANASE
2 non-polymer GLYCEROL
3 water water
#
_entity_poly.entity_id   1
_entity_poly.type   'polypeptide(L)'
_entity_poly.pdbx_seq_one_letter_code
;MIRISNKIKTLLAMLSFVQVTSGCDATVQDIIIDTDPGVEIGNNDYYTWCKETLSVIDKDLKISGTHSYYENQDRSQVSF
IWGNIFLLYTYTEGISLSKSEWSDALMNCFLNFDNYWHPNYKGIAGYATLPTSAEKVPDRFYDENGWTAIGLCDAYLATQ
NNSYLEKAKGALAFSLSGEDNVLGGGIYFQETFVSLPVQKNTICSAVTMLSCMKLYEITQDRQYLDAAIRINDWTVENLL
DKSDNLLWDAKMVADGSVNTQKWSYNAGFMIRSWLKMYQATKDEKYLSQAKATLASSEAKWYNSINGALNDPGYFAFSII
DSWFDMYDTDKNTVWLTKAFHAINFIHNKLRDGNGRYPEHWGTPTTSNLEKYDLRFSTVAAYMYMRAANYKRILND
;
_entity_poly.pdbx_strand_id   A,B
#
loop_
_chem_comp.id
_chem_comp.type
_chem_comp.name
_chem_comp.formula
GOL non-polymer GLYCEROL 'C3 H8 O3'
#
# COMPACT_ATOMS: atom_id res chain seq x y z
N PRO A 37 44.04 12.89 17.59
CA PRO A 37 43.20 13.50 16.57
C PRO A 37 43.80 14.79 15.95
N GLY A 38 44.46 15.59 16.78
CA GLY A 38 45.05 16.84 16.33
C GLY A 38 46.07 16.72 15.21
N VAL A 39 46.80 15.60 15.18
CA VAL A 39 47.77 15.31 14.10
C VAL A 39 47.05 15.26 12.74
N GLU A 40 45.92 14.55 12.71
CA GLU A 40 45.12 14.47 11.49
C GLU A 40 44.26 15.73 11.26
N ILE A 41 43.69 16.35 12.31
CA ILE A 41 42.83 17.56 12.15
C ILE A 41 43.61 18.84 11.87
N GLY A 42 44.86 18.88 12.33
CA GLY A 42 45.86 19.96 12.06
C GLY A 42 45.42 21.38 11.70
N ASN A 43 45.75 21.78 10.47
CA ASN A 43 45.35 23.08 9.91
C ASN A 43 44.27 22.91 8.84
N ASN A 44 43.56 21.77 8.91
CA ASN A 44 42.53 21.44 7.93
C ASN A 44 41.23 22.15 8.24
N ASP A 45 40.81 22.97 7.30
CA ASP A 45 39.66 23.80 7.50
C ASP A 45 38.47 23.08 6.89
N TYR A 46 37.96 22.09 7.62
CA TYR A 46 36.83 21.29 7.14
C TYR A 46 35.62 22.13 6.79
N TYR A 47 35.35 23.16 7.59
CA TYR A 47 34.19 23.99 7.34
C TYR A 47 34.26 24.71 6.00
N THR A 48 35.43 25.29 5.71
CA THR A 48 35.67 25.86 4.37
C THR A 48 35.57 24.82 3.27
N TRP A 49 36.13 23.63 3.49
CA TRP A 49 36.04 22.59 2.50
C TRP A 49 34.60 22.28 2.19
N CYS A 50 33.76 22.29 3.23
CA CYS A 50 32.34 22.02 3.03
C CYS A 50 31.72 23.11 2.18
N LYS A 51 31.94 24.37 2.54
CA LYS A 51 31.38 25.48 1.77
CA LYS A 51 31.39 25.49 1.76
C LYS A 51 31.88 25.47 0.32
N GLU A 52 33.15 25.14 0.14
CA GLU A 52 33.70 25.02 -1.20
C GLU A 52 32.94 23.98 -2.03
N THR A 53 32.73 22.83 -1.43
CA THR A 53 32.07 21.74 -2.09
C THR A 53 30.63 22.12 -2.48
N LEU A 54 29.93 22.73 -1.54
CA LEU A 54 28.55 23.19 -1.81
C LEU A 54 28.49 24.19 -2.93
N SER A 55 29.50 25.04 -3.02
CA SER A 55 29.54 26.05 -4.07
CA SER A 55 29.55 26.05 -4.07
C SER A 55 29.64 25.37 -5.44
N VAL A 56 30.46 24.32 -5.51
CA VAL A 56 30.61 23.62 -6.79
C VAL A 56 29.37 22.82 -7.15
N ILE A 57 28.79 22.14 -6.18
CA ILE A 57 27.51 21.46 -6.37
C ILE A 57 26.44 22.42 -6.90
N ASP A 58 26.33 23.61 -6.29
CA ASP A 58 25.33 24.58 -6.74
C ASP A 58 25.60 25.03 -8.15
N LYS A 59 26.85 25.33 -8.47
CA LYS A 59 27.21 25.78 -9.80
CA LYS A 59 27.21 25.76 -9.83
C LYS A 59 26.82 24.70 -10.83
N ASP A 60 27.17 23.45 -10.54
CA ASP A 60 27.01 22.37 -11.52
C ASP A 60 25.58 21.86 -11.61
N LEU A 61 24.91 21.76 -10.47
CA LEU A 61 23.68 21.00 -10.39
C LEU A 61 22.45 21.70 -9.85
N LYS A 62 22.56 22.87 -9.23
CA LYS A 62 21.34 23.55 -8.78
C LYS A 62 20.59 24.03 -10.04
N ILE A 63 19.29 23.82 -10.07
CA ILE A 63 18.47 24.21 -11.18
C ILE A 63 18.19 25.70 -11.00
N SER A 64 18.62 26.47 -11.99
CA SER A 64 18.51 27.94 -11.98
C SER A 64 17.15 28.38 -11.50
N GLY A 65 17.14 29.28 -10.52
CA GLY A 65 15.90 29.89 -10.02
C GLY A 65 15.10 29.06 -9.02
N THR A 66 15.68 27.95 -8.59
CA THR A 66 15.00 27.03 -7.69
C THR A 66 15.92 26.64 -6.53
N HIS A 67 15.38 25.88 -5.60
CA HIS A 67 16.19 25.16 -4.59
C HIS A 67 16.21 23.65 -4.83
N SER A 68 16.10 23.29 -6.10
CA SER A 68 16.11 21.89 -6.55
C SER A 68 17.39 21.66 -7.34
N TYR A 69 17.71 20.38 -7.54
CA TYR A 69 18.95 19.95 -8.18
C TYR A 69 18.69 18.98 -9.28
N TYR A 70 19.50 19.10 -10.33
CA TYR A 70 19.57 18.10 -11.39
C TYR A 70 20.25 16.83 -10.89
N GLU A 71 19.93 15.70 -11.52
CA GLU A 71 20.56 14.43 -11.17
C GLU A 71 22.03 14.36 -11.52
N ASN A 72 22.40 14.87 -12.70
CA ASN A 72 23.74 14.61 -13.21
C ASN A 72 24.19 15.72 -14.18
N GLN A 73 25.39 15.54 -14.71
CA GLN A 73 26.03 16.51 -15.60
C GLN A 73 25.23 16.87 -16.85
N ASP A 74 24.28 16.03 -17.25
CA ASP A 74 23.46 16.30 -18.42
C ASP A 74 22.43 17.39 -18.16
N ARG A 75 22.15 17.65 -16.88
CA ARG A 75 21.17 18.67 -16.49
C ARG A 75 19.85 18.50 -17.25
N SER A 76 19.36 17.28 -17.29
CA SER A 76 18.17 16.95 -18.09
C SER A 76 16.96 16.41 -17.30
N GLN A 77 17.19 16.01 -16.05
CA GLN A 77 16.16 15.48 -15.18
C GLN A 77 16.40 16.04 -13.78
N VAL A 78 15.31 16.29 -13.06
CA VAL A 78 15.41 16.61 -11.65
CA VAL A 78 15.43 16.62 -11.64
C VAL A 78 16.03 15.40 -10.94
N SER A 79 16.84 15.68 -9.92
CA SER A 79 17.50 14.65 -9.13
C SER A 79 16.54 13.72 -8.42
N PHE A 80 16.96 12.45 -8.34
CA PHE A 80 16.34 11.52 -7.41
C PHE A 80 16.54 12.04 -6.00
N ILE A 81 15.71 11.57 -5.08
CA ILE A 81 15.71 12.10 -3.74
C ILE A 81 17.07 11.92 -3.03
N TRP A 82 17.75 10.80 -3.33
CA TRP A 82 18.92 10.39 -2.52
C TRP A 82 19.98 11.51 -2.35
N GLY A 83 20.41 12.13 -3.45
CA GLY A 83 21.46 13.14 -3.35
C GLY A 83 21.06 14.32 -2.51
N ASN A 84 19.75 14.64 -2.52
CA ASN A 84 19.22 15.69 -1.69
C ASN A 84 19.23 15.35 -0.23
N ILE A 85 19.19 14.06 0.11
CA ILE A 85 19.26 13.64 1.53
C ILE A 85 20.61 13.99 2.11
N PHE A 86 21.69 13.85 1.33
CA PHE A 86 22.98 14.30 1.84
C PHE A 86 23.04 15.81 2.05
N LEU A 87 22.36 16.59 1.22
CA LEU A 87 22.30 18.00 1.47
C LEU A 87 21.53 18.26 2.76
N LEU A 88 20.40 17.58 2.95
CA LEU A 88 19.64 17.72 4.19
C LEU A 88 20.54 17.44 5.41
N TYR A 89 21.29 16.34 5.36
CA TYR A 89 22.22 15.97 6.44
C TYR A 89 23.28 17.08 6.67
N THR A 90 23.75 17.65 5.56
CA THR A 90 24.80 18.67 5.63
C THR A 90 24.31 19.93 6.31
N TYR A 91 23.15 20.42 5.86
CA TYR A 91 22.62 21.66 6.44
C TYR A 91 22.23 21.46 7.91
N THR A 92 21.67 20.30 8.20
CA THR A 92 21.37 19.96 9.58
C THR A 92 22.60 19.98 10.48
N GLU A 93 23.67 19.34 10.04
CA GLU A 93 24.92 19.39 10.81
C GLU A 93 25.46 20.81 10.91
N GLY A 94 25.28 21.59 9.85
CA GLY A 94 25.65 23.00 9.84
C GLY A 94 25.08 23.80 11.01
N ILE A 95 23.87 23.45 11.44
CA ILE A 95 23.22 24.17 12.53
C ILE A 95 24.10 24.11 13.81
N SER A 96 24.83 23.01 14.00
CA SER A 96 25.70 22.82 15.16
CA SER A 96 25.66 22.86 15.18
C SER A 96 26.90 23.77 15.13
N LEU A 97 27.30 24.18 13.92
CA LEU A 97 28.39 25.15 13.74
C LEU A 97 27.92 26.59 13.80
N SER A 98 26.80 26.87 13.13
CA SER A 98 26.19 28.20 13.11
C SER A 98 24.71 28.13 12.77
N LYS A 99 23.86 28.39 13.76
CA LYS A 99 22.41 28.34 13.49
C LYS A 99 22.06 29.38 12.43
N SER A 100 22.63 30.58 12.58
CA SER A 100 22.28 31.68 11.68
C SER A 100 22.76 31.46 10.24
N GLU A 101 23.92 30.82 10.06
CA GLU A 101 24.41 30.55 8.71
C GLU A 101 23.59 29.47 7.99
N TRP A 102 23.00 28.54 8.72
CA TRP A 102 22.45 27.32 8.11
C TRP A 102 20.95 27.12 8.23
N SER A 103 20.28 27.88 9.07
CA SER A 103 18.85 27.65 9.29
C SER A 103 18.02 27.85 8.04
N ASP A 104 18.29 28.92 7.31
CA ASP A 104 17.53 29.18 6.08
C ASP A 104 17.80 28.12 5.02
N ALA A 105 19.06 27.69 4.90
CA ALA A 105 19.44 26.69 3.90
C ALA A 105 18.71 25.38 4.20
N LEU A 106 18.64 25.05 5.49
CA LEU A 106 17.94 23.84 5.93
C LEU A 106 16.44 23.94 5.62
N MET A 107 15.82 25.10 5.91
CA MET A 107 14.41 25.27 5.61
C MET A 107 14.14 25.21 4.11
N ASN A 108 15.00 25.83 3.31
CA ASN A 108 14.84 25.76 1.85
C ASN A 108 14.95 24.31 1.31
N CYS A 109 15.85 23.54 1.92
CA CYS A 109 15.97 22.12 1.57
C CYS A 109 14.72 21.36 1.97
N PHE A 110 14.22 21.62 3.18
CA PHE A 110 12.96 20.98 3.64
C PHE A 110 11.80 21.26 2.72
N LEU A 111 11.72 22.49 2.28
CA LEU A 111 10.68 22.91 1.33
C LEU A 111 10.90 22.25 -0.04
N ASN A 112 12.15 22.02 -0.42
CA ASN A 112 12.37 21.24 -1.62
C ASN A 112 11.91 19.77 -1.47
N PHE A 113 12.19 19.19 -0.31
CA PHE A 113 11.73 17.86 0.00
C PHE A 113 10.21 17.76 -0.11
N ASP A 114 9.50 18.85 0.20
CA ASP A 114 8.03 18.84 0.01
C ASP A 114 7.63 18.52 -1.47
N ASN A 115 8.51 18.85 -2.42
CA ASN A 115 8.27 18.53 -3.83
C ASN A 115 8.23 17.05 -4.06
N TYR A 116 8.91 16.29 -3.21
CA TYR A 116 8.95 14.82 -3.30
C TYR A 116 7.91 14.12 -2.41
N TRP A 117 7.18 14.88 -1.59
CA TRP A 117 6.21 14.28 -0.66
C TRP A 117 4.91 14.00 -1.35
N HIS A 118 4.42 12.78 -1.17
CA HIS A 118 3.09 12.42 -1.62
C HIS A 118 2.17 12.28 -0.42
N PRO A 119 1.08 13.07 -0.37
CA PRO A 119 0.24 13.08 0.85
C PRO A 119 -0.69 11.88 0.96
N ASN A 120 -0.89 11.14 -0.13
CA ASN A 120 -1.80 9.98 -0.11
C ASN A 120 -1.75 9.27 -1.44
N TYR A 121 -0.99 8.18 -1.48
CA TYR A 121 -1.06 7.29 -2.62
C TYR A 121 -1.46 5.93 -2.06
N LYS A 122 -2.57 5.40 -2.62
CA LYS A 122 -3.12 4.14 -2.16
C LYS A 122 -3.20 4.03 -0.63
N GLY A 123 -3.60 5.12 0.03
CA GLY A 123 -3.92 5.12 1.44
C GLY A 123 -2.88 5.60 2.43
N ILE A 124 -1.69 5.94 1.94
CA ILE A 124 -0.61 6.30 2.82
C ILE A 124 0.31 7.36 2.17
N ALA A 125 0.72 8.29 3.01
CA ALA A 125 1.67 9.35 2.64
C ALA A 125 3.11 8.86 2.73
N GLY A 126 3.98 9.45 1.92
CA GLY A 126 5.37 9.13 2.00
C GLY A 126 6.12 9.83 0.88
N TYR A 127 7.43 9.92 1.04
CA TYR A 127 8.26 10.52 0.01
C TYR A 127 8.44 9.57 -1.20
N ALA A 128 8.48 10.17 -2.38
CA ALA A 128 8.78 9.53 -3.68
C ALA A 128 10.23 9.76 -4.09
N THR A 129 10.67 8.93 -5.04
CA THR A 129 12.03 9.00 -5.51
C THR A 129 12.26 10.24 -6.40
N LEU A 130 11.19 10.71 -7.03
CA LEU A 130 11.22 11.93 -7.84
C LEU A 130 10.09 12.86 -7.41
N PRO A 131 10.14 14.13 -7.84
CA PRO A 131 9.05 15.02 -7.50
C PRO A 131 7.70 14.46 -7.89
N THR A 132 6.73 14.71 -7.03
CA THR A 132 5.38 14.17 -7.21
C THR A 132 4.39 15.14 -6.58
N SER A 133 3.13 14.80 -6.70
CA SER A 133 2.04 15.56 -6.08
C SER A 133 0.84 14.66 -5.94
N ALA A 134 -0.16 15.16 -5.22
CA ALA A 134 -1.32 14.35 -4.84
C ALA A 134 -2.06 13.66 -5.97
N GLU A 135 -2.01 14.24 -7.16
CA GLU A 135 -2.72 13.71 -8.34
C GLU A 135 -1.88 12.81 -9.27
N LYS A 136 -0.67 12.48 -8.85
CA LYS A 136 0.25 11.65 -9.65
C LYS A 136 0.55 10.35 -8.92
N VAL A 137 0.90 9.33 -9.69
CA VAL A 137 1.28 8.05 -9.18
C VAL A 137 2.79 8.15 -8.90
N PRO A 138 3.20 7.93 -7.64
CA PRO A 138 4.59 8.03 -7.26
C PRO A 138 5.30 6.68 -7.25
N ASP A 139 6.61 6.72 -7.33
CA ASP A 139 7.48 5.54 -7.23
C ASP A 139 8.17 5.69 -5.89
N ARG A 140 7.73 4.87 -4.92
CA ARG A 140 8.20 5.06 -3.54
C ARG A 140 8.97 3.86 -3.00
N PHE A 141 9.97 4.18 -2.18
CA PHE A 141 10.95 3.24 -1.64
C PHE A 141 11.00 3.32 -0.15
N TYR A 142 10.97 2.17 0.51
CA TYR A 142 10.90 2.17 1.96
C TYR A 142 12.24 2.62 2.54
N ASP A 143 13.34 2.33 1.85
CA ASP A 143 14.65 2.80 2.30
C ASP A 143 14.80 4.31 2.19
N GLU A 144 14.41 4.89 1.06
CA GLU A 144 14.53 6.34 0.87
C GLU A 144 13.81 7.07 1.99
N ASN A 145 12.64 6.56 2.37
CA ASN A 145 11.89 7.17 3.46
C ASN A 145 12.61 7.11 4.80
N GLY A 146 13.32 6.02 5.06
CA GLY A 146 14.13 5.88 6.27
C GLY A 146 15.35 6.76 6.30
N TRP A 147 16.08 6.83 5.19
CA TRP A 147 17.16 7.77 5.09
C TRP A 147 16.73 9.17 5.38
N THR A 148 15.55 9.52 4.85
CA THR A 148 15.02 10.88 5.00
C THR A 148 14.57 11.13 6.44
N ALA A 149 13.87 10.15 7.03
CA ALA A 149 13.43 10.24 8.41
C ALA A 149 14.59 10.52 9.37
N ILE A 150 15.71 9.87 9.17
CA ILE A 150 16.92 10.10 9.97
C ILE A 150 17.29 11.57 9.91
N GLY A 151 17.39 12.12 8.70
CA GLY A 151 17.78 13.54 8.51
C GLY A 151 16.75 14.47 9.17
N LEU A 152 15.45 14.17 9.00
CA LEU A 152 14.41 15.03 9.58
C LEU A 152 14.39 14.97 11.11
N CYS A 153 14.67 13.81 11.69
CA CYS A 153 14.82 13.72 13.14
C CYS A 153 15.96 14.62 13.59
N ASP A 154 17.09 14.53 12.91
CA ASP A 154 18.24 15.36 13.27
C ASP A 154 17.96 16.86 13.06
N ALA A 155 17.20 17.18 12.01
CA ALA A 155 16.82 18.56 11.73
C ALA A 155 15.94 19.11 12.86
N TYR A 156 14.98 18.30 13.30
CA TYR A 156 14.17 18.64 14.46
C TYR A 156 15.02 18.81 15.74
N LEU A 157 15.93 17.90 16.00
CA LEU A 157 16.77 18.06 17.18
C LEU A 157 17.56 19.35 17.16
N ALA A 158 18.00 19.76 15.97
CA ALA A 158 18.84 20.96 15.80
C ALA A 158 18.07 22.28 15.91
N THR A 159 16.78 22.25 15.53
CA THR A 159 16.00 23.48 15.36
C THR A 159 14.73 23.56 16.17
N GLN A 160 14.22 22.40 16.58
CA GLN A 160 12.93 22.27 17.27
C GLN A 160 11.75 22.72 16.42
N ASN A 161 11.91 22.65 15.10
CA ASN A 161 10.83 22.98 14.17
C ASN A 161 9.88 21.80 14.06
N ASN A 162 8.62 22.04 14.42
CA ASN A 162 7.65 20.94 14.48
C ASN A 162 7.31 20.33 13.12
N SER A 163 7.37 21.14 12.05
CA SER A 163 7.09 20.63 10.72
C SER A 163 8.12 19.56 10.31
N TYR A 164 9.37 19.72 10.73
CA TYR A 164 10.39 18.71 10.42
C TYR A 164 10.06 17.38 11.12
N LEU A 165 9.62 17.46 12.39
CA LEU A 165 9.26 16.27 13.13
C LEU A 165 8.00 15.58 12.56
N GLU A 166 7.03 16.36 12.10
CA GLU A 166 5.82 15.82 11.49
C GLU A 166 6.19 14.95 10.28
N LYS A 167 7.08 15.46 9.44
CA LYS A 167 7.49 14.71 8.26
C LYS A 167 8.42 13.54 8.66
N ALA A 168 9.26 13.69 9.68
CA ALA A 168 10.05 12.53 10.16
C ALA A 168 9.13 11.38 10.54
N LYS A 169 8.09 11.69 11.31
CA LYS A 169 7.14 10.68 11.72
C LYS A 169 6.42 10.05 10.54
N GLY A 170 6.04 10.89 9.57
CA GLY A 170 5.33 10.41 8.41
C GLY A 170 6.20 9.56 7.51
N ALA A 171 7.43 9.97 7.29
CA ALA A 171 8.37 9.16 6.49
C ALA A 171 8.60 7.80 7.15
N LEU A 172 8.85 7.80 8.46
CA LEU A 172 9.07 6.56 9.20
C LEU A 172 7.81 5.69 9.15
N ALA A 173 6.62 6.29 9.27
CA ALA A 173 5.39 5.50 9.16
C ALA A 173 5.31 4.83 7.79
N PHE A 174 5.78 5.52 6.77
CA PHE A 174 5.82 4.91 5.48
C PHE A 174 6.75 3.71 5.47
N SER A 175 7.96 3.89 5.96
CA SER A 175 8.93 2.76 6.00
C SER A 175 8.32 1.58 6.78
N LEU A 176 7.68 1.88 7.90
CA LEU A 176 7.12 0.81 8.73
C LEU A 176 5.94 0.09 8.06
N SER A 177 5.30 0.76 7.09
CA SER A 177 4.20 0.14 6.37
C SER A 177 4.76 -0.91 5.39
N GLY A 178 6.07 -0.91 5.17
CA GLY A 178 6.68 -1.93 4.29
C GLY A 178 7.05 -3.22 5.01
N GLU A 179 6.84 -3.25 6.31
CA GLU A 179 7.07 -4.44 7.15
C GLU A 179 5.81 -5.31 7.18
N ASP A 180 6.00 -6.58 6.99
CA ASP A 180 4.92 -7.55 7.19
C ASP A 180 5.58 -8.92 7.43
N ASN A 181 4.77 -9.97 7.59
CA ASN A 181 5.29 -11.29 7.90
C ASN A 181 5.69 -12.18 6.72
N VAL A 182 5.73 -11.61 5.52
CA VAL A 182 6.34 -12.30 4.37
C VAL A 182 7.80 -12.47 4.73
N LEU A 183 8.33 -13.68 4.53
CA LEU A 183 9.66 -14.05 5.00
C LEU A 183 9.84 -14.00 6.52
N GLY A 184 8.74 -13.86 7.26
CA GLY A 184 8.80 -13.83 8.71
C GLY A 184 9.08 -12.48 9.32
N GLY A 185 9.11 -11.45 8.49
CA GLY A 185 9.46 -10.11 8.95
C GLY A 185 10.22 -9.36 7.88
N GLY A 186 10.82 -8.24 8.28
CA GLY A 186 11.60 -7.45 7.34
C GLY A 186 10.74 -6.57 6.46
N ILE A 187 11.43 -5.75 5.68
CA ILE A 187 10.81 -4.64 4.94
C ILE A 187 11.22 -4.75 3.46
N TYR A 188 10.22 -4.64 2.58
CA TYR A 188 10.43 -4.67 1.16
C TYR A 188 11.33 -3.52 0.72
N PHE A 189 12.05 -3.72 -0.38
CA PHE A 189 12.78 -2.61 -0.94
C PHE A 189 11.88 -1.46 -1.35
N GLN A 190 10.80 -1.80 -2.07
CA GLN A 190 9.99 -0.76 -2.69
C GLN A 190 8.49 -1.11 -2.76
N GLU A 191 7.71 -0.07 -3.00
CA GLU A 191 6.25 -0.15 -2.89
C GLU A 191 5.66 -0.76 -4.15
N THR A 192 6.30 -0.46 -5.29
CA THR A 192 5.82 -0.89 -6.60
C THR A 192 6.95 -1.61 -7.35
N PHE A 193 7.05 -2.92 -7.18
CA PHE A 193 8.09 -3.68 -7.85
C PHE A 193 7.76 -3.76 -9.33
N VAL A 194 8.76 -3.50 -10.16
CA VAL A 194 8.59 -3.66 -11.60
C VAL A 194 9.68 -4.60 -12.11
N SER A 195 10.88 -4.08 -12.33
CA SER A 195 11.94 -4.90 -12.90
C SER A 195 12.67 -5.74 -11.84
N LEU A 196 12.71 -5.28 -10.60
CA LEU A 196 13.40 -6.04 -9.56
C LEU A 196 12.54 -7.12 -9.00
N PRO A 197 13.14 -8.29 -8.73
CA PRO A 197 12.34 -9.30 -8.05
C PRO A 197 11.93 -8.84 -6.64
N VAL A 198 10.75 -9.27 -6.21
CA VAL A 198 10.24 -8.90 -4.89
C VAL A 198 11.24 -9.40 -3.83
N GLN A 199 11.64 -8.50 -2.94
CA GLN A 199 12.70 -8.78 -2.00
C GLN A 199 12.61 -7.87 -0.79
N LYS A 200 13.22 -8.34 0.31
CA LYS A 200 13.36 -7.57 1.53
C LYS A 200 14.84 -7.36 1.82
N ASN A 201 15.18 -6.17 2.28
CA ASN A 201 16.54 -5.63 2.14
C ASN A 201 17.09 -5.12 3.47
N THR A 202 18.37 -5.43 3.71
CA THR A 202 19.03 -5.00 4.89
C THR A 202 18.94 -3.49 5.05
N ILE A 203 19.11 -2.74 3.98
CA ILE A 203 19.13 -1.28 4.12
C ILE A 203 17.79 -0.79 4.64
N CYS A 204 16.70 -1.40 4.19
CA CYS A 204 15.39 -1.05 4.71
C CYS A 204 15.26 -1.34 6.21
N SER A 205 15.69 -2.53 6.65
CA SER A 205 15.78 -2.79 8.10
C SER A 205 16.56 -1.70 8.82
N ALA A 206 17.75 -1.43 8.30
CA ALA A 206 18.73 -0.63 9.02
C ALA A 206 18.33 0.84 9.16
N VAL A 207 17.90 1.47 8.08
CA VAL A 207 17.48 2.87 8.21
C VAL A 207 16.17 2.99 9.01
N THR A 208 15.31 1.97 8.91
CA THR A 208 14.08 2.00 9.68
C THR A 208 14.40 1.83 11.20
N MET A 209 15.32 0.92 11.54
CA MET A 209 15.75 0.78 12.89
C MET A 209 16.35 2.07 13.45
N LEU A 210 17.22 2.71 12.70
CA LEU A 210 17.86 3.91 13.19
C LEU A 210 16.81 5.02 13.38
N SER A 211 15.90 5.15 12.42
CA SER A 211 14.82 6.13 12.51
C SER A 211 13.95 5.88 13.74
N CYS A 212 13.60 4.61 13.94
CA CYS A 212 12.83 4.21 15.12
C CYS A 212 13.55 4.61 16.41
N MET A 213 14.85 4.35 16.48
CA MET A 213 15.60 4.68 17.69
C MET A 213 15.69 6.20 17.91
N LYS A 214 15.84 6.96 16.84
CA LYS A 214 15.87 8.41 16.94
C LYS A 214 14.52 8.95 17.40
N LEU A 215 13.44 8.42 16.83
CA LEU A 215 12.11 8.82 17.27
C LEU A 215 11.73 8.33 18.67
N TYR A 216 12.25 7.16 19.07
CA TYR A 216 12.09 6.70 20.43
C TYR A 216 12.71 7.70 21.41
N GLU A 217 13.90 8.15 21.11
CA GLU A 217 14.59 9.10 21.99
C GLU A 217 13.79 10.40 22.08
N ILE A 218 13.24 10.85 20.96
CA ILE A 218 12.46 12.09 20.94
C ILE A 218 11.12 11.95 21.65
N THR A 219 10.38 10.90 21.33
CA THR A 219 8.98 10.77 21.79
C THR A 219 8.76 9.95 23.06
N GLN A 220 9.76 9.13 23.39
CA GLN A 220 9.71 8.11 24.44
C GLN A 220 8.57 7.11 24.24
N ASP A 221 8.11 6.98 23.00
CA ASP A 221 7.03 6.03 22.68
C ASP A 221 7.67 4.66 22.44
N ARG A 222 7.40 3.73 23.37
CA ARG A 222 8.00 2.39 23.34
C ARG A 222 7.68 1.61 22.05
N GLN A 223 6.63 1.98 21.32
CA GLN A 223 6.31 1.33 20.05
C GLN A 223 7.49 1.41 19.07
N TYR A 224 8.22 2.52 19.09
CA TYR A 224 9.39 2.68 18.24
C TYR A 224 10.56 1.76 18.65
N LEU A 225 10.82 1.67 19.94
CA LEU A 225 11.82 0.74 20.46
C LEU A 225 11.43 -0.70 20.12
N ASP A 226 10.16 -1.05 20.32
CA ASP A 226 9.72 -2.40 20.04
C ASP A 226 9.84 -2.75 18.56
N ALA A 227 9.58 -1.76 17.69
CA ALA A 227 9.75 -1.97 16.26
C ALA A 227 11.22 -2.22 15.92
N ALA A 228 12.14 -1.41 16.48
CA ALA A 228 13.55 -1.59 16.21
C ALA A 228 14.01 -3.00 16.63
N ILE A 229 13.55 -3.45 17.79
CA ILE A 229 13.93 -4.77 18.31
C ILE A 229 13.41 -5.88 17.41
N ARG A 230 12.15 -5.77 17.02
CA ARG A 230 11.51 -6.75 16.16
C ARG A 230 12.22 -6.86 14.81
N ILE A 231 12.43 -5.70 14.16
CA ILE A 231 13.09 -5.68 12.87
C ILE A 231 14.54 -6.17 13.01
N ASN A 232 15.23 -5.75 14.07
CA ASN A 232 16.58 -6.23 14.31
C ASN A 232 16.67 -7.75 14.45
N ASP A 233 15.79 -8.30 15.28
CA ASP A 233 15.76 -9.77 15.48
C ASP A 233 15.64 -10.48 14.12
N TRP A 234 14.73 -10.00 13.26
CA TRP A 234 14.57 -10.60 11.93
C TRP A 234 15.85 -10.45 11.10
N THR A 235 16.42 -9.25 11.12
CA THR A 235 17.56 -8.95 10.29
C THR A 235 18.78 -9.79 10.70
N VAL A 236 19.02 -9.89 11.98
CA VAL A 236 20.12 -10.75 12.51
C VAL A 236 19.91 -12.23 12.13
N GLU A 237 18.67 -12.69 12.20
CA GLU A 237 18.36 -14.11 11.93
C GLU A 237 18.53 -14.44 10.43
N ASN A 238 18.27 -13.46 9.55
CA ASN A 238 18.20 -13.70 8.10
C ASN A 238 19.32 -13.13 7.24
N LEU A 239 19.91 -12.00 7.67
CA LEU A 239 20.83 -11.29 6.81
C LEU A 239 22.22 -11.01 7.39
N LEU A 240 22.46 -11.48 8.60
CA LEU A 240 23.79 -11.33 9.22
C LEU A 240 24.61 -12.57 8.98
N ASP A 241 25.81 -12.38 8.45
CA ASP A 241 26.76 -13.45 8.25
C ASP A 241 27.53 -13.65 9.55
N LYS A 242 27.27 -14.76 10.24
CA LYS A 242 27.91 -15.04 11.51
C LYS A 242 29.42 -15.24 11.40
N SER A 243 29.91 -15.57 10.22
CA SER A 243 31.35 -15.83 10.04
C SER A 243 32.21 -14.55 10.11
N ASP A 244 31.64 -13.40 9.76
CA ASP A 244 32.40 -12.14 9.83
C ASP A 244 31.62 -10.95 10.38
N ASN A 245 30.38 -11.20 10.83
CA ASN A 245 29.52 -10.17 11.39
C ASN A 245 29.22 -9.04 10.41
N LEU A 246 29.31 -9.34 9.13
CA LEU A 246 28.88 -8.40 8.10
C LEU A 246 27.49 -8.78 7.59
N LEU A 247 26.88 -7.85 6.88
CA LEU A 247 25.48 -7.99 6.46
C LEU A 247 25.39 -8.31 4.98
N TRP A 248 24.60 -9.34 4.67
CA TRP A 248 24.20 -9.62 3.31
C TRP A 248 23.22 -8.53 2.85
N ASP A 249 22.90 -8.51 1.57
CA ASP A 249 22.13 -7.40 0.98
C ASP A 249 20.62 -7.55 1.07
N ALA A 250 20.09 -8.73 0.76
CA ALA A 250 18.66 -8.88 0.60
C ALA A 250 18.27 -10.34 0.58
N LYS A 251 17.00 -10.60 0.84
CA LYS A 251 16.43 -11.94 0.78
C LYS A 251 15.24 -11.89 -0.20
N MET A 252 15.25 -12.82 -1.15
CA MET A 252 14.24 -12.89 -2.21
C MET A 252 12.96 -13.53 -1.69
N VAL A 253 11.84 -12.92 -1.99
CA VAL A 253 10.57 -13.43 -1.49
C VAL A 253 10.15 -14.75 -2.16
N ALA A 254 10.47 -14.92 -3.43
CA ALA A 254 10.03 -16.10 -4.19
C ALA A 254 10.55 -17.39 -3.59
N ASP A 255 11.83 -17.41 -3.26
CA ASP A 255 12.46 -18.65 -2.79
C ASP A 255 13.32 -18.53 -1.55
N GLY A 256 13.37 -17.33 -0.97
CA GLY A 256 14.13 -17.12 0.25
C GLY A 256 15.63 -17.08 0.02
N SER A 257 16.08 -17.07 -1.23
CA SER A 257 17.50 -16.95 -1.51
C SER A 257 18.05 -15.59 -1.09
N VAL A 258 19.32 -15.61 -0.71
CA VAL A 258 19.98 -14.43 -0.19
C VAL A 258 20.97 -13.89 -1.22
N ASN A 259 20.87 -12.59 -1.47
CA ASN A 259 21.91 -11.88 -2.20
C ASN A 259 22.98 -11.57 -1.19
N THR A 260 24.11 -12.26 -1.32
CA THR A 260 25.18 -12.17 -0.34
C THR A 260 26.18 -11.03 -0.59
N GLN A 261 25.92 -10.16 -1.57
CA GLN A 261 26.74 -8.95 -1.74
C GLN A 261 26.82 -8.17 -0.44
N LYS A 262 28.05 -7.91 -0.01
CA LYS A 262 28.29 -7.13 1.20
C LYS A 262 28.65 -5.69 0.83
N TRP A 263 27.84 -4.77 1.35
CA TRP A 263 28.07 -3.35 1.16
C TRP A 263 28.32 -2.70 2.50
N SER A 264 29.19 -1.70 2.48
CA SER A 264 29.56 -0.99 3.70
C SER A 264 28.38 -0.37 4.46
N TYR A 265 27.44 0.26 3.76
CA TYR A 265 26.36 0.95 4.42
C TYR A 265 25.35 0.04 5.10
N ASN A 266 25.28 -1.21 4.68
CA ASN A 266 24.42 -2.18 5.38
C ASN A 266 25.00 -2.53 6.75
N ALA A 267 26.33 -2.66 6.83
CA ALA A 267 27.01 -2.74 8.14
C ALA A 267 26.86 -1.44 8.93
N GLY A 268 27.15 -0.30 8.28
CA GLY A 268 27.21 0.97 9.00
C GLY A 268 25.89 1.39 9.61
N PHE A 269 24.80 1.33 8.85
CA PHE A 269 23.53 1.71 9.41
C PHE A 269 23.06 0.73 10.51
N MET A 270 23.45 -0.54 10.44
CA MET A 270 23.19 -1.47 11.54
C MET A 270 24.01 -1.11 12.79
N ILE A 271 25.27 -0.76 12.60
CA ILE A 271 26.12 -0.33 13.71
C ILE A 271 25.47 0.89 14.41
N ARG A 272 25.10 1.92 13.63
CA ARG A 272 24.53 3.11 14.24
C ARG A 272 23.26 2.74 15.04
N SER A 273 22.44 1.86 14.47
CA SER A 273 21.21 1.41 15.13
C SER A 273 21.53 0.70 16.42
N TRP A 274 22.46 -0.25 16.36
CA TRP A 274 22.81 -1.03 17.53
C TRP A 274 23.35 -0.17 18.66
N LEU A 275 24.11 0.88 18.33
CA LEU A 275 24.62 1.77 19.37
C LEU A 275 23.48 2.49 20.07
N LYS A 276 22.45 2.90 19.33
CA LYS A 276 21.28 3.52 19.98
CA LYS A 276 21.28 3.51 19.99
C LYS A 276 20.50 2.51 20.81
N MET A 277 20.41 1.27 20.31
CA MET A 277 19.68 0.22 21.04
C MET A 277 20.41 -0.10 22.33
N TYR A 278 21.74 -0.07 22.29
CA TYR A 278 22.53 -0.22 23.50
C TYR A 278 22.21 0.87 24.53
N GLN A 279 22.20 2.12 24.09
CA GLN A 279 21.89 3.23 25.01
C GLN A 279 20.48 3.10 25.60
N ALA A 280 19.53 2.64 24.79
CA ALA A 280 18.13 2.52 25.23
C ALA A 280 17.87 1.36 26.20
N THR A 281 18.55 0.24 25.97
CA THR A 281 18.26 -0.99 26.70
C THR A 281 19.32 -1.32 27.75
N LYS A 282 20.50 -0.72 27.60
CA LYS A 282 21.67 -1.05 28.40
C LYS A 282 22.10 -2.52 28.23
N ASP A 283 21.63 -3.20 27.17
CA ASP A 283 21.98 -4.60 26.94
C ASP A 283 23.29 -4.63 26.15
N GLU A 284 24.32 -5.16 26.78
CA GLU A 284 25.66 -5.16 26.21
C GLU A 284 25.77 -5.93 24.89
N LYS A 285 24.84 -6.84 24.62
CA LYS A 285 24.86 -7.54 23.33
C LYS A 285 24.86 -6.58 22.14
N TYR A 286 24.17 -5.46 22.27
CA TYR A 286 24.10 -4.50 21.16
C TYR A 286 25.47 -3.82 20.94
N LEU A 287 26.15 -3.47 22.03
CA LEU A 287 27.47 -2.87 21.91
C LEU A 287 28.46 -3.88 21.36
N SER A 288 28.42 -5.12 21.85
CA SER A 288 29.31 -6.16 21.35
C SER A 288 29.12 -6.38 19.84
N GLN A 289 27.86 -6.43 19.40
CA GLN A 289 27.56 -6.62 17.99
C GLN A 289 28.06 -5.46 17.16
N ALA A 290 27.83 -4.24 17.62
CA ALA A 290 28.30 -3.04 16.92
C ALA A 290 29.83 -3.07 16.77
N LYS A 291 30.53 -3.41 17.84
CA LYS A 291 31.99 -3.44 17.81
C LYS A 291 32.49 -4.52 16.86
N ALA A 292 31.86 -5.68 16.88
CA ALA A 292 32.27 -6.78 15.99
C ALA A 292 32.08 -6.45 14.53
N THR A 293 30.90 -5.94 14.19
CA THR A 293 30.61 -5.55 12.83
C THR A 293 31.49 -4.37 12.35
N LEU A 294 31.72 -3.40 13.21
CA LEU A 294 32.59 -2.28 12.86
C LEU A 294 34.06 -2.75 12.61
N ALA A 295 34.58 -3.63 13.43
CA ALA A 295 35.92 -4.14 13.19
C ALA A 295 36.03 -4.87 11.86
N SER A 296 35.04 -5.71 11.56
CA SER A 296 35.02 -6.44 10.30
C SER A 296 34.83 -5.50 9.10
N SER A 297 34.10 -4.43 9.31
CA SER A 297 33.91 -3.43 8.28
C SER A 297 35.21 -2.66 8.00
N GLU A 298 35.93 -2.30 9.05
CA GLU A 298 37.25 -1.69 8.86
C GLU A 298 38.19 -2.64 8.11
N ALA A 299 38.24 -3.90 8.55
CA ALA A 299 39.14 -4.86 7.91
C ALA A 299 38.80 -5.01 6.44
N LYS A 300 37.50 -5.02 6.10
CA LYS A 300 37.13 -5.26 4.71
C LYS A 300 37.35 -4.03 3.82
N TRP A 301 36.95 -2.86 4.32
CA TRP A 301 36.81 -1.66 3.49
C TRP A 301 37.78 -0.53 3.75
N TYR A 302 38.44 -0.52 4.90
CA TYR A 302 39.24 0.65 5.27
C TYR A 302 40.72 0.38 5.17
N ASN A 303 41.42 1.19 4.39
CA ASN A 303 42.90 1.20 4.41
C ASN A 303 43.28 2.27 5.42
N SER A 304 43.72 1.86 6.60
CA SER A 304 44.02 2.81 7.66
C SER A 304 45.33 3.59 7.43
N ILE A 305 46.10 3.12 6.48
CA ILE A 305 47.40 3.72 6.23
C ILE A 305 47.17 5.01 5.45
N ASN A 306 46.42 4.92 4.35
CA ASN A 306 46.16 6.13 3.57
C ASN A 306 44.82 6.80 3.82
N GLY A 307 43.92 6.08 4.46
CA GLY A 307 42.58 6.62 4.74
C GLY A 307 41.48 6.25 3.75
N ALA A 308 41.81 5.49 2.72
CA ALA A 308 40.86 5.14 1.65
C ALA A 308 39.80 4.16 2.11
N LEU A 309 38.60 4.38 1.60
CA LEU A 309 37.47 3.49 1.86
C LEU A 309 37.01 2.86 0.54
N ASN A 310 37.12 1.54 0.47
CA ASN A 310 36.97 0.81 -0.79
C ASN A 310 35.52 0.42 -1.10
N ASP A 311 34.67 1.43 -1.25
CA ASP A 311 33.28 1.24 -1.62
C ASP A 311 32.81 2.58 -2.22
N PRO A 312 31.59 2.58 -2.78
CA PRO A 312 30.99 3.86 -3.18
C PRO A 312 30.92 4.81 -1.99
N GLY A 313 31.22 6.08 -2.21
CA GLY A 313 31.14 7.05 -1.12
C GLY A 313 29.79 7.16 -0.46
N TYR A 314 28.74 7.11 -1.27
CA TYR A 314 27.39 7.18 -0.80
C TYR A 314 26.98 5.97 0.04
N PHE A 315 27.87 4.96 0.13
CA PHE A 315 27.76 3.85 1.08
C PHE A 315 28.77 3.99 2.22
N ALA A 316 30.03 4.26 1.86
CA ALA A 316 31.15 4.15 2.82
C ALA A 316 31.14 5.22 3.90
N PHE A 317 30.48 6.35 3.62
CA PHE A 317 30.32 7.44 4.60
C PHE A 317 29.72 6.91 5.88
N SER A 318 28.93 5.82 5.78
CA SER A 318 28.27 5.26 6.98
CA SER A 318 28.27 5.23 6.95
C SER A 318 29.27 4.68 7.98
N ILE A 319 30.42 4.23 7.50
CA ILE A 319 31.47 3.74 8.40
CA ILE A 319 31.48 3.75 8.40
C ILE A 319 32.05 4.94 9.16
N ILE A 320 32.22 6.07 8.48
CA ILE A 320 32.71 7.28 9.14
C ILE A 320 31.70 7.77 10.18
N ASP A 321 30.42 7.76 9.86
CA ASP A 321 29.42 8.14 10.85
C ASP A 321 29.40 7.17 12.05
N SER A 322 29.70 5.88 11.80
CA SER A 322 29.84 4.88 12.86
C SER A 322 30.99 5.24 13.79
N TRP A 323 32.12 5.64 13.21
CA TRP A 323 33.24 6.12 14.03
C TRP A 323 32.84 7.31 14.92
N PHE A 324 32.15 8.30 14.36
CA PHE A 324 31.69 9.42 15.16
C PHE A 324 30.77 8.94 16.30
N ASP A 325 29.86 8.01 16.00
CA ASP A 325 28.98 7.49 17.03
C ASP A 325 29.78 6.75 18.10
N MET A 326 30.82 6.03 17.71
CA MET A 326 31.67 5.34 18.68
CA MET A 326 31.67 5.34 18.68
C MET A 326 32.34 6.34 19.62
N TYR A 327 32.79 7.47 19.07
CA TYR A 327 33.43 8.49 19.89
C TYR A 327 32.39 9.04 20.86
N ASP A 328 31.18 9.31 20.38
CA ASP A 328 30.08 9.74 21.27
C ASP A 328 29.83 8.71 22.41
N THR A 329 30.05 7.44 22.12
CA THR A 329 29.80 6.34 23.05
C THR A 329 30.89 6.19 24.10
N ASP A 330 32.16 6.16 23.68
CA ASP A 330 33.26 5.84 24.59
C ASP A 330 34.33 6.94 24.78
N LYS A 331 34.17 8.03 24.04
CA LYS A 331 35.05 9.20 24.09
C LYS A 331 36.51 8.88 23.82
N ASN A 332 36.73 7.78 23.10
CA ASN A 332 38.07 7.42 22.68
C ASN A 332 38.40 8.13 21.37
N THR A 333 39.41 9.01 21.41
CA THR A 333 39.74 9.81 20.25
C THR A 333 40.31 9.00 19.08
N VAL A 334 40.70 7.74 19.29
CA VAL A 334 41.11 6.88 18.17
C VAL A 334 40.04 6.87 17.07
N TRP A 335 38.77 6.90 17.46
CA TRP A 335 37.67 6.87 16.48
C TRP A 335 37.67 8.16 15.64
N LEU A 336 38.00 9.29 16.25
CA LEU A 336 38.10 10.56 15.50
C LEU A 336 39.33 10.56 14.62
N THR A 337 40.42 9.97 15.09
CA THR A 337 41.59 9.83 14.25
C THR A 337 41.28 9.14 12.94
N LYS A 338 40.53 8.06 13.02
CA LYS A 338 40.14 7.33 11.84
C LYS A 338 39.27 8.24 10.96
N ALA A 339 38.28 8.88 11.55
CA ALA A 339 37.34 9.66 10.78
C ALA A 339 38.07 10.79 10.05
N PHE A 340 38.90 11.53 10.75
CA PHE A 340 39.61 12.63 10.13
C PHE A 340 40.58 12.15 9.06
N HIS A 341 41.24 11.02 9.30
CA HIS A 341 42.16 10.47 8.26
C HIS A 341 41.39 10.13 6.96
N ALA A 342 40.19 9.52 7.10
CA ALA A 342 39.40 9.12 5.95
C ALA A 342 38.90 10.39 5.21
N ILE A 343 38.46 11.36 5.99
CA ILE A 343 37.95 12.63 5.42
C ILE A 343 39.09 13.42 4.74
N ASN A 344 40.28 13.41 5.33
CA ASN A 344 41.45 14.05 4.70
C ASN A 344 41.74 13.43 3.35
N PHE A 345 41.64 12.11 3.28
CA PHE A 345 41.84 11.40 2.03
C PHE A 345 40.84 11.83 0.96
N ILE A 346 39.58 11.95 1.32
CA ILE A 346 38.59 12.44 0.38
C ILE A 346 39.02 13.77 -0.23
N HIS A 347 39.40 14.72 0.60
CA HIS A 347 39.80 16.05 0.10
C HIS A 347 41.11 16.04 -0.69
N ASN A 348 42.10 15.37 -0.11
CA ASN A 348 43.46 15.41 -0.62
C ASN A 348 43.71 14.51 -1.82
N LYS A 349 42.96 13.42 -1.92
CA LYS A 349 43.19 12.41 -2.97
CA LYS A 349 43.18 12.42 -2.96
C LYS A 349 42.01 12.17 -3.92
N LEU A 350 40.78 12.40 -3.46
CA LEU A 350 39.62 12.17 -4.35
C LEU A 350 39.12 13.39 -5.12
N ARG A 351 39.16 14.56 -4.46
CA ARG A 351 38.74 15.80 -5.10
CA ARG A 351 38.74 15.80 -5.10
C ARG A 351 39.52 16.00 -6.39
N ASP A 352 38.83 16.29 -7.46
CA ASP A 352 39.52 16.50 -8.74
C ASP A 352 39.86 17.99 -8.93
N GLY A 353 40.46 18.32 -10.07
CA GLY A 353 40.94 19.67 -10.34
C GLY A 353 39.84 20.69 -10.55
N ASN A 354 38.61 20.20 -10.75
CA ASN A 354 37.41 21.04 -10.84
C ASN A 354 36.57 21.07 -9.57
N GLY A 355 37.10 20.51 -8.49
CA GLY A 355 36.37 20.45 -7.22
C GLY A 355 35.22 19.45 -7.18
N ARG A 356 35.30 18.45 -8.06
CA ARG A 356 34.32 17.35 -8.12
C ARG A 356 34.84 16.06 -7.50
N TYR A 357 33.89 15.17 -7.18
CA TYR A 357 34.19 13.92 -6.47
C TYR A 357 33.73 12.71 -7.26
N PRO A 358 34.52 11.63 -7.18
CA PRO A 358 34.18 10.40 -7.86
C PRO A 358 33.13 9.57 -7.10
N GLU A 359 32.58 8.59 -7.78
CA GLU A 359 31.62 7.70 -7.17
C GLU A 359 32.22 6.84 -6.04
N HIS A 360 33.43 6.35 -6.26
CA HIS A 360 34.06 5.36 -5.36
CA HIS A 360 34.06 5.37 -5.36
C HIS A 360 35.20 6.04 -4.57
N TRP A 361 35.38 5.61 -3.31
CA TRP A 361 36.36 6.24 -2.43
C TRP A 361 37.67 5.46 -2.26
N GLY A 362 37.86 4.42 -3.07
CA GLY A 362 38.98 3.51 -2.87
C GLY A 362 40.31 3.94 -3.44
N THR A 363 40.29 4.76 -4.50
CA THR A 363 41.52 5.04 -5.26
C THR A 363 41.66 6.53 -5.58
N PRO A 364 42.87 7.09 -5.43
CA PRO A 364 43.03 8.50 -5.75
C PRO A 364 42.61 8.85 -7.16
N THR A 365 42.07 10.05 -7.30
CA THR A 365 41.66 10.57 -8.58
C THR A 365 42.89 11.06 -9.33
N THR A 366 43.03 10.64 -10.58
CA THR A 366 44.18 11.02 -11.40
C THR A 366 43.86 11.84 -12.64
N SER A 367 42.58 11.94 -12.99
CA SER A 367 42.15 12.80 -14.06
C SER A 367 40.77 13.35 -13.72
N ASN A 368 40.44 14.47 -14.34
CA ASN A 368 39.20 15.15 -14.00
C ASN A 368 37.99 14.39 -14.50
N LEU A 369 36.94 14.40 -13.69
CA LEU A 369 35.71 13.68 -13.99
C LEU A 369 34.93 14.37 -15.10
N GLU A 370 34.33 13.58 -15.99
CA GLU A 370 33.44 14.11 -17.02
C GLU A 370 31.96 13.87 -16.65
N LYS A 371 31.72 12.77 -15.93
CA LYS A 371 30.38 12.41 -15.49
C LYS A 371 30.33 12.47 -13.97
N TYR A 372 29.17 12.85 -13.46
CA TYR A 372 28.92 12.89 -12.02
C TYR A 372 27.43 12.96 -11.75
N ASP A 373 27.00 12.40 -10.62
CA ASP A 373 25.63 12.63 -10.13
C ASP A 373 25.65 13.32 -8.78
N LEU A 374 24.50 13.84 -8.41
CA LEU A 374 24.35 14.65 -7.22
C LEU A 374 24.89 13.99 -5.96
N ARG A 375 24.75 12.67 -5.83
CA ARG A 375 25.19 12.09 -4.58
C ARG A 375 26.67 12.10 -4.38
N PHE A 376 27.45 12.17 -5.47
CA PHE A 376 28.90 11.99 -5.32
C PHE A 376 29.53 13.13 -4.48
N SER A 377 29.13 14.37 -4.76
CA SER A 377 29.74 15.50 -4.06
C SER A 377 28.95 15.85 -2.80
N THR A 378 27.65 15.54 -2.77
CA THR A 378 26.89 15.91 -1.58
C THR A 378 27.33 15.06 -0.36
N VAL A 379 27.67 13.77 -0.56
CA VAL A 379 28.17 12.98 0.57
C VAL A 379 29.50 13.54 1.06
N ALA A 380 30.35 14.04 0.16
CA ALA A 380 31.60 14.66 0.58
C ALA A 380 31.35 15.93 1.42
N ALA A 381 30.42 16.77 0.97
CA ALA A 381 30.06 17.95 1.72
C ALA A 381 29.60 17.57 3.12
N TYR A 382 28.77 16.52 3.21
CA TYR A 382 28.28 16.05 4.50
C TYR A 382 29.42 15.63 5.43
N MET A 383 30.36 14.86 4.90
CA MET A 383 31.54 14.47 5.68
C MET A 383 32.35 15.67 6.16
N TYR A 384 32.49 16.65 5.29
CA TYR A 384 33.26 17.84 5.72
C TYR A 384 32.57 18.59 6.85
N MET A 385 31.26 18.70 6.80
CA MET A 385 30.54 19.40 7.84
C MET A 385 30.63 18.60 9.16
N ARG A 386 30.52 17.28 9.06
CA ARG A 386 30.70 16.42 10.24
C ARG A 386 32.06 16.61 10.90
N ALA A 387 33.08 16.58 10.07
CA ALA A 387 34.44 16.80 10.54
C ALA A 387 34.60 18.19 11.18
N ALA A 388 33.98 19.21 10.59
CA ALA A 388 34.01 20.56 11.16
C ALA A 388 33.40 20.58 12.56
N ASN A 389 32.31 19.85 12.73
CA ASN A 389 31.63 19.80 14.02
C ASN A 389 32.51 19.13 15.07
N TYR A 390 33.11 17.99 14.72
CA TYR A 390 33.96 17.28 15.68
C TYR A 390 35.28 18.03 15.99
N LYS A 391 35.79 18.78 15.02
CA LYS A 391 36.96 19.62 15.26
C LYS A 391 36.58 20.69 16.31
N ARG A 392 35.38 21.27 16.16
CA ARG A 392 34.86 22.27 17.10
C ARG A 392 34.66 21.69 18.50
N ILE A 393 34.03 20.52 18.56
CA ILE A 393 33.85 19.75 19.80
C ILE A 393 35.19 19.50 20.51
N LEU A 394 36.21 19.11 19.75
CA LEU A 394 37.55 18.91 20.32
C LEU A 394 38.23 20.20 20.80
N ASN A 395 38.08 21.29 20.05
CA ASN A 395 38.72 22.58 20.38
C ASN A 395 37.81 23.55 21.13
N PRO B 37 -48.07 -9.10 -7.34
CA PRO B 37 -46.96 -10.05 -7.36
C PRO B 37 -47.38 -11.51 -7.10
N GLY B 38 -48.52 -11.73 -6.45
CA GLY B 38 -49.04 -13.08 -6.25
C GLY B 38 -49.25 -13.88 -7.53
N VAL B 39 -49.57 -13.18 -8.62
CA VAL B 39 -49.65 -13.81 -9.95
C VAL B 39 -48.28 -14.37 -10.36
N GLU B 40 -47.21 -13.59 -10.15
CA GLU B 40 -45.85 -14.04 -10.44
C GLU B 40 -45.34 -15.08 -9.41
N ILE B 41 -45.64 -14.91 -8.13
CA ILE B 41 -45.16 -15.87 -7.11
C ILE B 41 -45.91 -17.22 -7.16
N GLY B 42 -47.22 -17.11 -7.30
CA GLY B 42 -48.12 -18.26 -7.34
C GLY B 42 -47.81 -19.44 -6.43
N ASN B 43 -47.41 -20.55 -7.08
CA ASN B 43 -47.04 -21.77 -6.39
C ASN B 43 -45.53 -22.01 -6.47
N ASN B 44 -44.76 -20.95 -6.74
CA ASN B 44 -43.31 -21.06 -6.88
C ASN B 44 -42.61 -21.14 -5.54
N ASP B 45 -41.92 -22.24 -5.34
CA ASP B 45 -41.31 -22.54 -4.07
C ASP B 45 -39.85 -22.12 -4.16
N TYR B 46 -39.63 -20.81 -4.04
CA TYR B 46 -38.31 -20.24 -4.17
C TYR B 46 -37.34 -20.85 -3.17
N TYR B 47 -37.82 -21.09 -1.95
CA TYR B 47 -36.95 -21.62 -0.90
C TYR B 47 -36.39 -22.99 -1.32
N THR B 48 -37.27 -23.85 -1.81
CA THR B 48 -36.85 -25.15 -2.32
C THR B 48 -35.92 -25.00 -3.52
N TRP B 49 -36.23 -24.07 -4.43
CA TRP B 49 -35.34 -23.83 -5.55
C TRP B 49 -33.94 -23.47 -5.07
N CYS B 50 -33.86 -22.65 -4.02
CA CYS B 50 -32.55 -22.26 -3.48
C CYS B 50 -31.82 -23.49 -2.96
N LYS B 51 -32.49 -24.29 -2.13
CA LYS B 51 -31.86 -25.49 -1.54
C LYS B 51 -31.43 -26.48 -2.66
N GLU B 52 -32.25 -26.62 -3.68
CA GLU B 52 -31.90 -27.46 -4.81
C GLU B 52 -30.61 -27.01 -5.49
N THR B 53 -30.53 -25.70 -5.72
CA THR B 53 -29.36 -25.10 -6.38
C THR B 53 -28.11 -25.31 -5.54
N LEU B 54 -28.21 -25.03 -4.25
CA LEU B 54 -27.08 -25.25 -3.32
C LEU B 54 -26.62 -26.72 -3.29
N SER B 55 -27.55 -27.65 -3.41
CA SER B 55 -27.20 -29.08 -3.44
CA SER B 55 -27.18 -29.07 -3.42
C SER B 55 -26.36 -29.41 -4.66
N VAL B 56 -26.74 -28.84 -5.79
CA VAL B 56 -25.97 -29.08 -7.03
C VAL B 56 -24.59 -28.41 -6.99
N ILE B 57 -24.54 -27.19 -6.50
CA ILE B 57 -23.28 -26.48 -6.34
C ILE B 57 -22.34 -27.30 -5.47
N ASP B 58 -22.86 -27.83 -4.35
CA ASP B 58 -22.02 -28.63 -3.46
C ASP B 58 -21.52 -29.88 -4.14
N LYS B 59 -22.40 -30.58 -4.84
CA LYS B 59 -22.02 -31.79 -5.56
CA LYS B 59 -22.00 -31.80 -5.55
C LYS B 59 -20.91 -31.50 -6.56
N ASP B 60 -21.08 -30.43 -7.34
CA ASP B 60 -20.17 -30.13 -8.44
C ASP B 60 -18.86 -29.49 -7.97
N LEU B 61 -18.94 -28.58 -6.98
CA LEU B 61 -17.84 -27.67 -6.71
C LEU B 61 -17.32 -27.62 -5.29
N LYS B 62 -18.02 -28.19 -4.31
CA LYS B 62 -17.47 -28.19 -2.98
C LYS B 62 -16.27 -29.12 -2.95
N ILE B 63 -15.20 -28.68 -2.33
CA ILE B 63 -13.98 -29.49 -2.26
C ILE B 63 -14.19 -30.45 -1.11
N SER B 64 -14.15 -31.75 -1.45
CA SER B 64 -14.38 -32.85 -0.52
C SER B 64 -13.67 -32.61 0.82
N GLY B 65 -14.43 -32.70 1.91
CA GLY B 65 -13.88 -32.60 3.26
C GLY B 65 -13.65 -31.19 3.77
N THR B 66 -14.11 -30.20 3.02
CA THR B 66 -13.89 -28.79 3.34
C THR B 66 -15.19 -28.00 3.23
N HIS B 67 -15.11 -26.72 3.61
CA HIS B 67 -16.17 -25.73 3.31
C HIS B 67 -15.69 -24.73 2.27
N SER B 68 -14.80 -25.20 1.38
CA SER B 68 -14.25 -24.41 0.28
C SER B 68 -14.75 -25.00 -1.02
N TYR B 69 -14.60 -24.22 -2.08
CA TYR B 69 -15.15 -24.53 -3.40
C TYR B 69 -14.07 -24.40 -4.47
N TYR B 70 -14.14 -25.30 -5.46
CA TYR B 70 -13.38 -25.18 -6.68
C TYR B 70 -13.93 -24.04 -7.56
N GLU B 71 -13.06 -23.51 -8.42
CA GLU B 71 -13.50 -22.44 -9.34
C GLU B 71 -14.46 -22.92 -10.43
N ASN B 72 -14.19 -24.09 -11.02
CA ASN B 72 -14.90 -24.51 -12.19
C ASN B 72 -14.91 -26.03 -12.34
N GLN B 73 -15.51 -26.47 -13.43
CA GLN B 73 -15.76 -27.88 -13.68
C GLN B 73 -14.50 -28.73 -13.70
N ASP B 74 -13.34 -28.11 -13.90
CA ASP B 74 -12.06 -28.86 -13.92
C ASP B 74 -11.62 -29.30 -12.53
N ARG B 75 -12.17 -28.65 -11.49
CA ARG B 75 -11.84 -28.98 -10.10
C ARG B 75 -10.32 -29.03 -9.89
N SER B 76 -9.65 -28.01 -10.39
CA SER B 76 -8.19 -27.98 -10.35
C SER B 76 -7.57 -26.82 -9.57
N GLN B 77 -8.39 -25.82 -9.26
CA GLN B 77 -7.99 -24.61 -8.50
CA GLN B 77 -7.95 -24.76 -8.38
C GLN B 77 -9.08 -24.29 -7.47
N VAL B 78 -8.67 -23.81 -6.30
CA VAL B 78 -9.60 -23.24 -5.36
CA VAL B 78 -9.64 -23.24 -5.39
C VAL B 78 -10.26 -22.03 -6.04
N SER B 79 -11.53 -21.84 -5.75
CA SER B 79 -12.27 -20.72 -6.31
C SER B 79 -11.69 -19.36 -5.95
N PHE B 80 -11.85 -18.43 -6.87
CA PHE B 80 -11.65 -17.02 -6.59
C PHE B 80 -12.70 -16.62 -5.56
N ILE B 81 -12.45 -15.52 -4.88
CA ILE B 81 -13.35 -15.11 -3.81
C ILE B 81 -14.81 -14.85 -4.31
N TRP B 82 -14.96 -14.32 -5.53
CA TRP B 82 -16.25 -13.79 -5.99
C TRP B 82 -17.43 -14.77 -5.80
N GLY B 83 -17.30 -15.98 -6.33
CA GLY B 83 -18.38 -16.96 -6.23
C GLY B 83 -18.77 -17.27 -4.81
N ASN B 84 -17.79 -17.24 -3.91
CA ASN B 84 -18.04 -17.40 -2.47
C ASN B 84 -18.85 -16.25 -1.88
N ILE B 85 -18.73 -15.07 -2.45
CA ILE B 85 -19.48 -13.89 -1.92
C ILE B 85 -20.98 -14.10 -2.17
N PHE B 86 -21.35 -14.71 -3.30
CA PHE B 86 -22.75 -15.00 -3.48
C PHE B 86 -23.28 -16.03 -2.48
N LEU B 87 -22.46 -17.00 -2.10
CA LEU B 87 -22.84 -17.94 -1.06
C LEU B 87 -23.03 -17.20 0.25
N LEU B 88 -22.09 -16.32 0.58
CA LEU B 88 -22.21 -15.51 1.80
C LEU B 88 -23.56 -14.77 1.79
N TYR B 89 -23.88 -14.15 0.68
CA TYR B 89 -25.16 -13.41 0.54
C TYR B 89 -26.37 -14.32 0.72
N THR B 90 -26.28 -15.52 0.17
CA THR B 90 -27.34 -16.51 0.27
C THR B 90 -27.61 -16.94 1.70
N TYR B 91 -26.56 -17.37 2.38
CA TYR B 91 -26.72 -17.84 3.74
C TYR B 91 -27.20 -16.73 4.66
N THR B 92 -26.69 -15.51 4.45
CA THR B 92 -27.14 -14.37 5.22
C THR B 92 -28.62 -14.12 5.03
N GLU B 93 -29.09 -14.11 3.80
CA GLU B 93 -30.52 -13.92 3.55
C GLU B 93 -31.33 -15.08 4.14
N GLY B 94 -30.75 -16.27 4.11
CA GLY B 94 -31.38 -17.46 4.73
C GLY B 94 -31.77 -17.25 6.20
N ILE B 95 -30.95 -16.49 6.94
CA ILE B 95 -31.22 -16.22 8.36
C ILE B 95 -32.63 -15.61 8.53
N SER B 96 -33.07 -14.82 7.54
CA SER B 96 -34.38 -14.18 7.60
C SER B 96 -35.51 -15.19 7.46
N LEU B 97 -35.23 -16.29 6.78
CA LEU B 97 -36.20 -17.39 6.62
C LEU B 97 -36.18 -18.35 7.83
N SER B 98 -34.98 -18.69 8.26
CA SER B 98 -34.78 -19.59 9.40
C SER B 98 -33.40 -19.43 10.02
N LYS B 99 -33.34 -18.87 11.22
CA LYS B 99 -32.04 -18.69 11.87
C LYS B 99 -31.38 -20.05 12.13
N SER B 100 -32.17 -21.01 12.59
CA SER B 100 -31.62 -22.32 12.92
C SER B 100 -31.13 -23.09 11.70
N GLU B 101 -31.81 -22.94 10.55
CA GLU B 101 -31.39 -23.63 9.34
C GLU B 101 -30.11 -23.08 8.75
N TRP B 102 -29.84 -21.78 8.93
CA TRP B 102 -28.79 -21.11 8.18
C TRP B 102 -27.61 -20.56 8.98
N SER B 103 -27.72 -20.51 10.31
CA SER B 103 -26.67 -19.89 11.11
C SER B 103 -25.34 -20.59 11.03
N ASP B 104 -25.35 -21.91 11.10
CA ASP B 104 -24.12 -22.69 10.98
C ASP B 104 -23.51 -22.58 9.59
N ALA B 105 -24.34 -22.60 8.55
CA ALA B 105 -23.85 -22.48 7.17
C ALA B 105 -23.15 -21.14 6.98
N LEU B 106 -23.78 -20.08 7.53
CA LEU B 106 -23.19 -18.75 7.45
C LEU B 106 -21.85 -18.71 8.20
N MET B 107 -21.78 -19.27 9.40
CA MET B 107 -20.53 -19.28 10.13
C MET B 107 -19.46 -20.08 9.39
N ASN B 108 -19.82 -21.25 8.84
CA ASN B 108 -18.84 -22.03 8.07
C ASN B 108 -18.32 -21.29 6.84
N CYS B 109 -19.19 -20.52 6.21
CA CYS B 109 -18.81 -19.68 5.09
C CYS B 109 -17.85 -18.57 5.55
N PHE B 110 -18.17 -17.91 6.65
CA PHE B 110 -17.31 -16.87 7.21
C PHE B 110 -15.90 -17.42 7.53
N LEU B 111 -15.86 -18.60 8.11
CA LEU B 111 -14.60 -19.24 8.41
C LEU B 111 -13.85 -19.62 7.13
N ASN B 112 -14.57 -19.95 6.07
CA ASN B 112 -13.91 -20.14 4.79
C ASN B 112 -13.35 -18.82 4.24
N PHE B 113 -14.10 -17.74 4.41
CA PHE B 113 -13.59 -16.41 4.04
C PHE B 113 -12.29 -16.09 4.77
N ASP B 114 -12.11 -16.58 6.00
CA ASP B 114 -10.85 -16.37 6.74
C ASP B 114 -9.64 -16.92 5.94
N ASN B 115 -9.86 -17.95 5.09
CA ASN B 115 -8.81 -18.46 4.23
C ASN B 115 -8.31 -17.44 3.20
N TYR B 116 -9.17 -16.49 2.85
CA TYR B 116 -8.84 -15.45 1.89
C TYR B 116 -8.37 -14.14 2.54
N TRP B 117 -8.44 -14.07 3.87
CA TRP B 117 -8.07 -12.86 4.60
C TRP B 117 -6.55 -12.75 4.81
N HIS B 118 -6.00 -11.60 4.43
CA HIS B 118 -4.60 -11.32 4.71
C HIS B 118 -4.55 -10.29 5.84
N PRO B 119 -3.92 -10.65 6.98
CA PRO B 119 -3.91 -9.71 8.10
C PRO B 119 -2.96 -8.52 7.96
N ASN B 120 -2.03 -8.57 7.00
CA ASN B 120 -1.08 -7.47 6.82
C ASN B 120 -0.17 -7.72 5.64
N TYR B 121 -0.50 -7.04 4.56
CA TYR B 121 0.39 -7.04 3.41
C TYR B 121 0.70 -5.59 3.15
N LYS B 122 1.99 -5.26 3.19
CA LYS B 122 2.46 -3.88 2.98
C LYS B 122 1.68 -2.85 3.83
N GLY B 123 1.37 -3.22 5.08
CA GLY B 123 0.84 -2.31 6.06
C GLY B 123 -0.66 -2.30 6.27
N ILE B 124 -1.40 -3.12 5.52
CA ILE B 124 -2.86 -3.12 5.62
C ILE B 124 -3.44 -4.53 5.38
N ALA B 125 -4.44 -4.85 6.18
CA ALA B 125 -5.21 -6.10 6.10
C ALA B 125 -6.31 -5.98 5.01
N GLY B 126 -6.65 -7.11 4.36
CA GLY B 126 -7.75 -7.12 3.44
C GLY B 126 -7.87 -8.49 2.83
N TYR B 127 -9.02 -8.76 2.23
CA TYR B 127 -9.20 -10.02 1.53
C TYR B 127 -8.44 -10.03 0.22
N ALA B 128 -8.00 -11.22 -0.13
CA ALA B 128 -7.35 -11.53 -1.40
C ALA B 128 -8.30 -12.30 -2.32
N THR B 129 -7.92 -12.34 -3.60
CA THR B 129 -8.76 -12.98 -4.60
C THR B 129 -8.74 -14.52 -4.48
N LEU B 130 -7.63 -15.05 -3.97
CA LEU B 130 -7.42 -16.45 -3.71
C LEU B 130 -6.96 -16.68 -2.25
N PRO B 131 -7.07 -17.92 -1.76
CA PRO B 131 -6.60 -18.16 -0.41
C PRO B 131 -5.16 -17.69 -0.21
N THR B 132 -4.93 -17.11 0.96
CA THR B 132 -3.66 -16.51 1.31
C THR B 132 -3.41 -16.68 2.80
N SER B 133 -2.25 -16.20 3.23
CA SER B 133 -1.90 -16.23 4.63
C SER B 133 -0.84 -15.18 4.89
N ALA B 134 -0.57 -14.91 6.16
CA ALA B 134 0.28 -13.79 6.57
C ALA B 134 1.67 -13.78 5.94
N GLU B 135 2.16 -14.97 5.58
CA GLU B 135 3.52 -15.10 5.03
CA GLU B 135 3.52 -15.12 5.04
C GLU B 135 3.58 -15.12 3.50
N LYS B 136 2.42 -14.92 2.84
CA LYS B 136 2.34 -15.00 1.39
C LYS B 136 2.03 -13.61 0.83
N VAL B 137 2.42 -13.38 -0.40
CA VAL B 137 2.05 -12.16 -1.13
C VAL B 137 0.67 -12.37 -1.78
N PRO B 138 -0.31 -11.53 -1.40
CA PRO B 138 -1.68 -11.66 -1.95
C PRO B 138 -1.90 -10.79 -3.19
N ASP B 139 -2.93 -11.15 -3.97
CA ASP B 139 -3.41 -10.37 -5.09
C ASP B 139 -4.75 -9.83 -4.64
N ARG B 140 -4.78 -8.54 -4.33
CA ARG B 140 -5.96 -7.94 -3.69
C ARG B 140 -6.60 -6.89 -4.57
N PHE B 141 -7.91 -6.83 -4.46
CA PHE B 141 -8.77 -6.01 -5.30
C PHE B 141 -9.68 -5.17 -4.44
N TYR B 142 -9.81 -3.89 -4.77
CA TYR B 142 -10.61 -3.00 -3.91
C TYR B 142 -12.09 -3.29 -4.05
N ASP B 143 -12.52 -3.69 -5.23
CA ASP B 143 -13.92 -4.07 -5.43
C ASP B 143 -14.30 -5.34 -4.65
N GLU B 144 -13.47 -6.40 -4.75
CA GLU B 144 -13.80 -7.64 -4.06
C GLU B 144 -14.02 -7.38 -2.58
N ASN B 145 -13.19 -6.51 -2.02
CA ASN B 145 -13.34 -6.15 -0.63
C ASN B 145 -14.65 -5.47 -0.28
N GLY B 146 -15.12 -4.59 -1.18
CA GLY B 146 -16.40 -3.96 -1.04
C GLY B 146 -17.57 -4.92 -1.18
N TRP B 147 -17.52 -5.76 -2.20
CA TRP B 147 -18.55 -6.78 -2.35
C TRP B 147 -18.68 -7.61 -1.05
N THR B 148 -17.53 -7.96 -0.44
CA THR B 148 -17.53 -8.78 0.76
C THR B 148 -18.08 -7.99 1.95
N ALA B 149 -17.62 -6.73 2.09
CA ALA B 149 -18.04 -5.85 3.17
C ALA B 149 -19.55 -5.74 3.22
N ILE B 150 -20.19 -5.62 2.06
CA ILE B 150 -21.64 -5.57 1.99
C ILE B 150 -22.27 -6.81 2.61
N GLY B 151 -21.77 -7.99 2.22
CA GLY B 151 -22.26 -9.28 2.76
C GLY B 151 -22.06 -9.38 4.27
N LEU B 152 -20.88 -8.94 4.72
CA LEU B 152 -20.56 -9.03 6.15
C LEU B 152 -21.39 -8.06 7.00
N CYS B 153 -21.70 -6.88 6.45
CA CYS B 153 -22.60 -5.97 7.13
C CYS B 153 -23.96 -6.65 7.28
N ASP B 154 -24.45 -7.24 6.19
CA ASP B 154 -25.76 -7.90 6.23
C ASP B 154 -25.75 -9.11 7.18
N ALA B 155 -24.62 -9.82 7.23
CA ALA B 155 -24.47 -10.97 8.14
C ALA B 155 -24.51 -10.47 9.60
N TYR B 156 -23.85 -9.34 9.87
CA TYR B 156 -23.97 -8.71 11.21
C TYR B 156 -25.43 -8.31 11.52
N LEU B 157 -26.10 -7.66 10.58
CA LEU B 157 -27.48 -7.27 10.82
C LEU B 157 -28.39 -8.48 11.15
N ALA B 158 -28.11 -9.61 10.52
CA ALA B 158 -28.92 -10.82 10.69
C ALA B 158 -28.65 -11.58 12.01
N THR B 159 -27.43 -11.47 12.52
CA THR B 159 -26.96 -12.32 13.61
C THR B 159 -26.42 -11.58 14.84
N GLN B 160 -26.06 -10.31 14.68
CA GLN B 160 -25.37 -9.50 15.69
C GLN B 160 -24.01 -10.07 16.10
N ASN B 161 -23.40 -10.87 15.23
CA ASN B 161 -22.10 -11.45 15.55
C ASN B 161 -21.01 -10.41 15.25
N ASN B 162 -20.30 -10.01 16.30
CA ASN B 162 -19.29 -8.94 16.19
C ASN B 162 -18.14 -9.28 15.29
N SER B 163 -17.79 -10.57 15.20
CA SER B 163 -16.68 -11.00 14.33
CA SER B 163 -16.68 -10.98 14.33
C SER B 163 -16.98 -10.66 12.88
N TYR B 164 -18.26 -10.78 12.48
CA TYR B 164 -18.64 -10.46 11.10
C TYR B 164 -18.45 -8.96 10.84
N LEU B 165 -18.86 -8.13 11.81
CA LEU B 165 -18.71 -6.69 11.64
C LEU B 165 -17.25 -6.26 11.66
N GLU B 166 -16.42 -6.92 12.47
CA GLU B 166 -14.99 -6.63 12.50
C GLU B 166 -14.38 -6.77 11.10
N LYS B 167 -14.73 -7.85 10.41
CA LYS B 167 -14.22 -8.07 9.06
C LYS B 167 -14.90 -7.16 8.06
N ALA B 168 -16.18 -6.82 8.26
CA ALA B 168 -16.82 -5.84 7.37
C ALA B 168 -16.03 -4.53 7.42
N LYS B 169 -15.72 -4.07 8.63
CA LYS B 169 -14.99 -2.80 8.81
C LYS B 169 -13.60 -2.87 8.19
N GLY B 170 -12.94 -4.01 8.36
CA GLY B 170 -11.61 -4.20 7.84
C GLY B 170 -11.62 -4.27 6.33
N ALA B 171 -12.57 -5.00 5.76
CA ALA B 171 -12.67 -5.07 4.31
C ALA B 171 -12.94 -3.69 3.71
N LEU B 172 -13.85 -2.95 4.32
CA LEU B 172 -14.19 -1.62 3.82
C LEU B 172 -12.98 -0.67 3.98
N ALA B 173 -12.26 -0.77 5.10
CA ALA B 173 -11.03 0.04 5.25
C ALA B 173 -10.04 -0.26 4.12
N PHE B 174 -9.97 -1.53 3.72
CA PHE B 174 -9.13 -1.86 2.59
C PHE B 174 -9.63 -1.16 1.31
N SER B 175 -10.89 -1.28 1.01
CA SER B 175 -11.45 -0.57 -0.16
C SER B 175 -11.19 0.94 -0.10
N LEU B 176 -11.36 1.54 1.08
CA LEU B 176 -11.14 2.98 1.21
C LEU B 176 -9.67 3.38 1.09
N SER B 177 -8.76 2.43 1.29
CA SER B 177 -7.32 2.68 1.12
C SER B 177 -6.97 2.74 -0.36
N GLY B 178 -7.90 2.33 -1.22
CA GLY B 178 -7.67 2.50 -2.67
C GLY B 178 -8.11 3.85 -3.25
N GLU B 179 -8.65 4.71 -2.38
CA GLU B 179 -9.04 6.07 -2.74
C GLU B 179 -7.88 7.02 -2.56
N ASP B 180 -7.65 7.83 -3.56
CA ASP B 180 -6.69 8.96 -3.43
C ASP B 180 -7.06 10.02 -4.48
N ASN B 181 -6.29 11.09 -4.53
CA ASN B 181 -6.58 12.19 -5.44
C ASN B 181 -6.03 12.07 -6.88
N VAL B 182 -5.48 10.91 -7.23
CA VAL B 182 -5.15 10.61 -8.62
C VAL B 182 -6.51 10.63 -9.37
N LEU B 183 -6.56 11.30 -10.52
CA LEU B 183 -7.81 11.58 -11.24
C LEU B 183 -8.84 12.41 -10.47
N GLY B 184 -8.41 13.00 -9.35
CA GLY B 184 -9.30 13.81 -8.56
C GLY B 184 -10.15 13.08 -7.54
N GLY B 185 -9.94 11.78 -7.40
CA GLY B 185 -10.78 10.98 -6.51
C GLY B 185 -10.92 9.58 -7.09
N GLY B 186 -11.85 8.82 -6.57
CA GLY B 186 -12.10 7.48 -7.05
C GLY B 186 -11.11 6.47 -6.51
N ILE B 187 -11.39 5.21 -6.84
CA ILE B 187 -10.72 4.05 -6.25
C ILE B 187 -10.19 3.15 -7.38
N TYR B 188 -8.93 2.76 -7.25
CA TYR B 188 -8.27 1.89 -8.19
C TYR B 188 -8.97 0.54 -8.27
N PHE B 189 -8.88 -0.12 -9.44
CA PHE B 189 -9.38 -1.46 -9.50
C PHE B 189 -8.72 -2.39 -8.48
N GLN B 190 -7.39 -2.33 -8.48
CA GLN B 190 -6.62 -3.29 -7.74
C GLN B 190 -5.33 -2.72 -7.12
N GLU B 191 -4.81 -3.51 -6.16
CA GLU B 191 -3.65 -3.12 -5.37
C GLU B 191 -2.35 -3.27 -6.15
N THR B 192 -2.25 -4.33 -6.92
CA THR B 192 -1.03 -4.69 -7.65
C THR B 192 -1.34 -4.80 -9.16
N PHE B 193 -1.22 -3.71 -9.91
CA PHE B 193 -1.49 -3.78 -11.34
C PHE B 193 -0.37 -4.53 -12.04
N VAL B 194 -0.75 -5.46 -12.91
CA VAL B 194 0.23 -6.16 -13.73
C VAL B 194 -0.15 -5.98 -15.20
N SER B 195 -1.10 -6.77 -15.69
CA SER B 195 -1.45 -6.74 -17.11
C SER B 195 -2.44 -5.62 -17.43
N LEU B 196 -3.27 -5.21 -16.48
CA LEU B 196 -4.24 -4.15 -16.75
C LEU B 196 -3.64 -2.77 -16.59
N PRO B 197 -4.03 -1.83 -17.46
CA PRO B 197 -3.55 -0.47 -17.25
C PRO B 197 -4.11 0.10 -15.96
N VAL B 198 -3.33 0.96 -15.30
CA VAL B 198 -3.77 1.56 -14.03
C VAL B 198 -5.05 2.37 -14.27
N GLN B 199 -6.05 2.14 -13.45
CA GLN B 199 -7.38 2.65 -13.72
C GLN B 199 -8.19 2.69 -12.45
N LYS B 200 -9.19 3.59 -12.44
CA LYS B 200 -10.18 3.72 -11.37
C LYS B 200 -11.56 3.38 -11.95
N ASN B 201 -12.34 2.68 -11.16
CA ASN B 201 -13.47 1.90 -11.68
C ASN B 201 -14.78 2.15 -10.92
N THR B 202 -15.84 2.27 -11.69
CA THR B 202 -17.13 2.50 -11.15
C THR B 202 -17.48 1.47 -10.09
N ILE B 203 -17.21 0.19 -10.37
CA ILE B 203 -17.63 -0.85 -9.44
C ILE B 203 -16.96 -0.63 -8.07
N CYS B 204 -15.69 -0.19 -8.08
CA CYS B 204 -15.03 0.16 -6.82
C CYS B 204 -15.70 1.30 -6.11
N SER B 205 -16.05 2.37 -6.82
CA SER B 205 -16.85 3.42 -6.20
C SER B 205 -18.11 2.84 -5.57
N ALA B 206 -18.86 2.10 -6.37
CA ALA B 206 -20.21 1.70 -6.05
C ALA B 206 -20.29 0.73 -4.85
N VAL B 207 -19.48 -0.32 -4.85
CA VAL B 207 -19.50 -1.22 -3.70
C VAL B 207 -18.94 -0.55 -2.44
N THR B 208 -17.99 0.40 -2.60
CA THR B 208 -17.48 1.10 -1.45
C THR B 208 -18.55 2.05 -0.89
N MET B 209 -19.26 2.75 -1.77
CA MET B 209 -20.38 3.58 -1.35
C MET B 209 -21.44 2.80 -0.59
N LEU B 210 -21.84 1.66 -1.12
CA LEU B 210 -22.91 0.89 -0.50
C LEU B 210 -22.41 0.38 0.88
N SER B 211 -21.17 -0.12 0.94
CA SER B 211 -20.56 -0.58 2.19
C SER B 211 -20.53 0.56 3.23
N CYS B 212 -20.08 1.74 2.78
CA CYS B 212 -20.05 2.92 3.64
C CYS B 212 -21.43 3.24 4.19
N MET B 213 -22.46 3.19 3.34
CA MET B 213 -23.82 3.50 3.80
C MET B 213 -24.35 2.45 4.77
N LYS B 214 -24.05 1.18 4.52
CA LYS B 214 -24.47 0.12 5.43
C LYS B 214 -23.77 0.29 6.77
N LEU B 215 -22.47 0.57 6.77
CA LEU B 215 -21.74 0.79 8.03
C LEU B 215 -22.15 2.10 8.71
N TYR B 216 -22.52 3.12 7.95
CA TYR B 216 -23.08 4.34 8.53
C TYR B 216 -24.35 4.02 9.31
N GLU B 217 -25.23 3.25 8.71
CA GLU B 217 -26.48 2.91 9.37
C GLU B 217 -26.22 2.15 10.68
N ILE B 218 -25.25 1.24 10.65
CA ILE B 218 -24.95 0.46 11.83
C ILE B 218 -24.24 1.28 12.92
N THR B 219 -23.19 1.99 12.53
CA THR B 219 -22.30 2.62 13.50
C THR B 219 -22.66 4.08 13.84
N GLN B 220 -23.47 4.68 12.96
CA GLN B 220 -23.82 6.10 12.94
C GLN B 220 -22.61 7.03 12.88
N ASP B 221 -21.48 6.49 12.41
CA ASP B 221 -20.25 7.29 12.31
C ASP B 221 -20.29 8.05 10.98
N ARG B 222 -20.40 9.38 11.10
CA ARG B 222 -20.55 10.26 9.93
C ARG B 222 -19.39 10.16 8.92
N GLN B 223 -18.22 9.67 9.34
CA GLN B 223 -17.10 9.51 8.40
C GLN B 223 -17.46 8.60 7.21
N TYR B 224 -18.32 7.61 7.47
CA TYR B 224 -18.78 6.71 6.43
C TYR B 224 -19.73 7.40 5.46
N LEU B 225 -20.67 8.18 5.98
CA LEU B 225 -21.54 8.99 5.13
C LEU B 225 -20.72 9.97 4.30
N ASP B 226 -19.78 10.66 4.94
CA ASP B 226 -18.98 11.65 4.22
C ASP B 226 -18.17 10.99 3.11
N ALA B 227 -17.67 9.78 3.35
CA ALA B 227 -16.93 9.06 2.33
C ALA B 227 -17.84 8.72 1.15
N ALA B 228 -19.04 8.23 1.42
CA ALA B 228 -19.99 7.89 0.35
C ALA B 228 -20.26 9.12 -0.51
N ILE B 229 -20.46 10.26 0.13
CA ILE B 229 -20.78 11.50 -0.58
C ILE B 229 -19.59 11.93 -1.45
N ARG B 230 -18.40 11.88 -0.87
CA ARG B 230 -17.20 12.27 -1.60
C ARG B 230 -16.95 11.39 -2.83
N ILE B 231 -17.01 10.07 -2.62
CA ILE B 231 -16.83 9.11 -3.71
C ILE B 231 -17.95 9.26 -4.75
N ASN B 232 -19.18 9.43 -4.30
CA ASN B 232 -20.29 9.64 -5.24
C ASN B 232 -20.10 10.88 -6.09
N ASP B 233 -19.75 11.99 -5.45
CA ASP B 233 -19.51 13.25 -6.21
C ASP B 233 -18.51 13.01 -7.33
N TRP B 234 -17.40 12.32 -7.02
CA TRP B 234 -16.39 12.03 -8.05
C TRP B 234 -16.95 11.13 -9.16
N THR B 235 -17.68 10.09 -8.74
CA THR B 235 -18.19 9.12 -9.66
C THR B 235 -19.22 9.75 -10.65
N VAL B 236 -20.13 10.53 -10.13
CA VAL B 236 -21.08 11.28 -10.95
C VAL B 236 -20.36 12.25 -11.96
N GLU B 237 -19.31 12.90 -11.50
CA GLU B 237 -18.60 13.89 -12.32
C GLU B 237 -17.85 13.21 -13.46
N ASN B 238 -17.34 11.99 -13.19
CA ASN B 238 -16.44 11.30 -14.11
C ASN B 238 -16.96 10.10 -14.88
N LEU B 239 -17.89 9.37 -14.30
CA LEU B 239 -18.29 8.10 -14.87
C LEU B 239 -19.78 7.94 -15.17
N LEU B 240 -20.57 8.97 -14.92
CA LEU B 240 -22.01 8.93 -15.24
C LEU B 240 -22.26 9.59 -16.57
N ASP B 241 -22.95 8.86 -17.44
CA ASP B 241 -23.37 9.35 -18.73
C ASP B 241 -24.66 10.11 -18.54
N LYS B 242 -24.58 11.43 -18.65
CA LYS B 242 -25.76 12.26 -18.48
C LYS B 242 -26.85 12.02 -19.53
N SER B 243 -26.49 11.44 -20.69
CA SER B 243 -27.48 11.22 -21.76
C SER B 243 -28.49 10.11 -21.44
N ASP B 244 -28.11 9.14 -20.61
CA ASP B 244 -29.01 8.05 -20.27
C ASP B 244 -28.99 7.65 -18.80
N ASN B 245 -28.20 8.37 -17.99
CA ASN B 245 -28.05 8.06 -16.57
C ASN B 245 -27.49 6.68 -16.25
N LEU B 246 -26.78 6.10 -17.22
CA LEU B 246 -26.05 4.86 -16.97
C LEU B 246 -24.57 5.17 -16.71
N LEU B 247 -23.87 4.17 -16.18
CA LEU B 247 -22.50 4.32 -15.74
C LEU B 247 -21.52 3.70 -16.71
N TRP B 248 -20.49 4.48 -17.08
CA TRP B 248 -19.35 3.98 -17.80
C TRP B 248 -18.56 3.07 -16.81
N ASP B 249 -17.58 2.37 -17.33
CA ASP B 249 -16.87 1.31 -16.57
C ASP B 249 -15.68 1.82 -15.73
N ALA B 250 -14.84 2.66 -16.33
CA ALA B 250 -13.56 2.99 -15.72
C ALA B 250 -12.94 4.20 -16.39
N LYS B 251 -12.02 4.83 -15.66
CA LYS B 251 -11.24 5.93 -16.16
C LYS B 251 -9.74 5.56 -16.00
N MET B 252 -8.99 5.69 -17.10
CA MET B 252 -7.57 5.34 -17.17
C MET B 252 -6.75 6.43 -16.54
N VAL B 253 -5.81 6.01 -15.70
CA VAL B 253 -4.98 6.99 -15.01
C VAL B 253 -3.98 7.73 -15.93
N ALA B 254 -3.47 7.03 -16.92
CA ALA B 254 -2.44 7.57 -17.81
C ALA B 254 -2.92 8.82 -18.54
N ASP B 255 -4.11 8.75 -19.11
CA ASP B 255 -4.61 9.84 -19.97
C ASP B 255 -6.04 10.29 -19.69
N GLY B 256 -6.67 9.70 -18.68
CA GLY B 256 -8.01 10.08 -18.27
C GLY B 256 -9.08 9.60 -19.22
N SER B 257 -8.72 8.74 -20.16
CA SER B 257 -9.72 8.18 -21.07
C SER B 257 -10.69 7.29 -20.34
N VAL B 258 -11.91 7.25 -20.84
CA VAL B 258 -12.98 6.50 -20.22
C VAL B 258 -13.29 5.24 -21.03
N ASN B 259 -13.33 4.10 -20.33
CA ASN B 259 -13.88 2.87 -20.87
C ASN B 259 -15.39 3.00 -20.76
N THR B 260 -16.05 3.20 -21.89
CA THR B 260 -17.49 3.51 -21.91
C THR B 260 -18.40 2.29 -21.92
N GLN B 261 -17.82 1.09 -21.78
CA GLN B 261 -18.63 -0.11 -21.61
C GLN B 261 -19.60 0.05 -20.47
N LYS B 262 -20.87 -0.20 -20.77
CA LYS B 262 -21.93 -0.13 -19.78
C LYS B 262 -22.34 -1.52 -19.33
N TRP B 263 -22.22 -1.74 -18.03
CA TRP B 263 -22.57 -3.01 -17.37
C TRP B 263 -23.67 -2.75 -16.34
N SER B 264 -24.58 -3.71 -16.22
CA SER B 264 -25.74 -3.59 -15.38
C SER B 264 -25.37 -3.34 -13.92
N TYR B 265 -24.36 -4.06 -13.42
CA TYR B 265 -24.01 -3.94 -12.03
C TYR B 265 -23.40 -2.61 -11.62
N ASN B 266 -22.84 -1.89 -12.56
CA ASN B 266 -22.35 -0.55 -12.25
C ASN B 266 -23.49 0.42 -12.01
N ALA B 267 -24.54 0.29 -12.80
CA ALA B 267 -25.84 0.95 -12.49
C ALA B 267 -26.45 0.47 -11.18
N GLY B 268 -26.55 -0.86 -11.03
CA GLY B 268 -27.27 -1.45 -9.92
C GLY B 268 -26.65 -1.09 -8.58
N PHE B 269 -25.33 -1.25 -8.42
CA PHE B 269 -24.73 -0.92 -7.12
C PHE B 269 -24.79 0.59 -6.84
N MET B 270 -24.79 1.43 -7.89
CA MET B 270 -25.00 2.87 -7.68
C MET B 270 -26.43 3.17 -7.25
N ILE B 271 -27.43 2.51 -7.86
CA ILE B 271 -28.82 2.64 -7.40
C ILE B 271 -28.96 2.29 -5.93
N ARG B 272 -28.43 1.11 -5.53
CA ARG B 272 -28.58 0.69 -4.15
C ARG B 272 -27.97 1.70 -3.17
N SER B 273 -26.81 2.22 -3.55
CA SER B 273 -26.13 3.24 -2.77
C SER B 273 -26.93 4.52 -2.66
N TRP B 274 -27.44 4.99 -3.79
CA TRP B 274 -28.20 6.22 -3.81
C TRP B 274 -29.47 6.14 -2.95
N LEU B 275 -30.12 4.98 -2.95
CA LEU B 275 -31.30 4.81 -2.12
C LEU B 275 -30.94 4.93 -0.63
N LYS B 276 -29.81 4.38 -0.20
CA LYS B 276 -29.38 4.57 1.18
C LYS B 276 -28.99 6.00 1.46
N MET B 277 -28.36 6.66 0.50
CA MET B 277 -27.97 8.08 0.70
C MET B 277 -29.21 8.94 0.82
N TYR B 278 -30.25 8.59 0.08
CA TYR B 278 -31.53 9.28 0.19
C TYR B 278 -32.10 9.15 1.60
N GLN B 279 -32.13 7.94 2.13
CA GLN B 279 -32.66 7.73 3.48
C GLN B 279 -31.85 8.50 4.52
N ALA B 280 -30.52 8.55 4.34
CA ALA B 280 -29.63 9.19 5.31
C ALA B 280 -29.71 10.72 5.29
N THR B 281 -29.87 11.30 4.10
CA THR B 281 -29.78 12.75 3.93
C THR B 281 -31.13 13.40 3.71
N LYS B 282 -32.12 12.59 3.31
CA LYS B 282 -33.43 13.08 2.90
C LYS B 282 -33.34 14.00 1.67
N ASP B 283 -32.23 13.97 0.95
CA ASP B 283 -32.07 14.84 -0.23
C ASP B 283 -32.66 14.10 -1.43
N GLU B 284 -33.72 14.67 -1.98
CA GLU B 284 -34.49 14.04 -3.06
C GLU B 284 -33.65 13.80 -4.31
N LYS B 285 -32.55 14.51 -4.48
CA LYS B 285 -31.67 14.27 -5.64
C LYS B 285 -31.21 12.82 -5.73
N TYR B 286 -30.98 12.18 -4.59
CA TYR B 286 -30.53 10.80 -4.59
C TYR B 286 -31.63 9.84 -5.07
N LEU B 287 -32.85 10.09 -4.64
CA LEU B 287 -33.97 9.26 -5.09
C LEU B 287 -34.25 9.48 -6.57
N SER B 288 -34.22 10.72 -7.01
CA SER B 288 -34.44 11.00 -8.44
CA SER B 288 -34.44 11.01 -8.44
C SER B 288 -33.37 10.34 -9.31
N GLN B 289 -32.11 10.40 -8.87
CA GLN B 289 -31.02 9.79 -9.61
C GLN B 289 -31.21 8.27 -9.66
N ALA B 290 -31.53 7.67 -8.52
CA ALA B 290 -31.77 6.22 -8.45
C ALA B 290 -32.88 5.81 -9.42
N LYS B 291 -33.98 6.56 -9.42
CA LYS B 291 -35.10 6.24 -10.31
C LYS B 291 -34.74 6.39 -11.78
N ALA B 292 -34.00 7.45 -12.12
CA ALA B 292 -33.59 7.66 -13.51
C ALA B 292 -32.67 6.55 -14.01
N THR B 293 -31.67 6.22 -13.20
CA THR B 293 -30.74 5.19 -13.58
C THR B 293 -31.44 3.83 -13.66
N LEU B 294 -32.33 3.54 -12.71
CA LEU B 294 -33.05 2.26 -12.72
C LEU B 294 -33.94 2.13 -13.97
N ALA B 295 -34.64 3.20 -14.34
CA ALA B 295 -35.45 3.15 -15.54
C ALA B 295 -34.61 2.90 -16.79
N SER B 296 -33.47 3.58 -16.91
CA SER B 296 -32.60 3.38 -18.05
C SER B 296 -31.98 1.97 -18.06
N SER B 297 -31.77 1.43 -16.87
CA SER B 297 -31.25 0.08 -16.75
C SER B 297 -32.28 -0.95 -17.20
N GLU B 298 -33.54 -0.76 -16.78
CA GLU B 298 -34.62 -1.63 -17.25
C GLU B 298 -34.71 -1.55 -18.77
N ALA B 299 -34.72 -0.33 -19.31
CA ALA B 299 -34.85 -0.17 -20.75
C ALA B 299 -33.73 -0.86 -21.48
N LYS B 300 -32.51 -0.77 -20.95
CA LYS B 300 -31.36 -1.36 -21.64
C LYS B 300 -31.29 -2.90 -21.54
N TRP B 301 -31.51 -3.42 -20.34
CA TRP B 301 -31.18 -4.80 -20.03
C TRP B 301 -32.34 -5.73 -19.75
N TYR B 302 -33.54 -5.21 -19.48
CA TYR B 302 -34.64 -6.06 -19.03
C TYR B 302 -35.72 -6.21 -20.08
N ASN B 303 -36.01 -7.47 -20.43
CA ASN B 303 -37.18 -7.77 -21.25
C ASN B 303 -38.30 -8.09 -20.27
N SER B 304 -39.22 -7.15 -20.11
CA SER B 304 -40.26 -7.31 -19.10
C SER B 304 -41.32 -8.33 -19.53
N ILE B 305 -41.30 -8.70 -20.81
CA ILE B 305 -42.30 -9.61 -21.32
C ILE B 305 -41.95 -11.03 -20.85
N ASN B 306 -40.73 -11.47 -21.08
CA ASN B 306 -40.33 -12.82 -20.65
C ASN B 306 -39.56 -12.88 -19.34
N GLY B 307 -39.05 -11.72 -18.89
CA GLY B 307 -38.28 -11.64 -17.66
C GLY B 307 -36.76 -11.70 -17.81
N ALA B 308 -36.26 -11.82 -19.04
CA ALA B 308 -34.82 -12.01 -19.28
C ALA B 308 -34.03 -10.74 -19.00
N LEU B 309 -32.83 -10.94 -18.47
CA LEU B 309 -31.89 -9.87 -18.23
C LEU B 309 -30.65 -10.09 -19.08
N ASN B 310 -30.38 -9.13 -19.97
CA ASN B 310 -29.41 -9.29 -21.02
C ASN B 310 -28.00 -8.87 -20.60
N ASP B 311 -27.48 -9.58 -19.61
CA ASP B 311 -26.11 -9.35 -19.14
C ASP B 311 -25.68 -10.62 -18.39
N PRO B 312 -24.39 -10.69 -18.02
CA PRO B 312 -23.98 -11.79 -17.15
C PRO B 312 -24.80 -11.77 -15.86
N GLY B 313 -25.19 -12.95 -15.40
CA GLY B 313 -25.97 -13.03 -14.17
C GLY B 313 -25.31 -12.41 -12.98
N TYR B 314 -24.01 -12.62 -12.86
CA TYR B 314 -23.23 -12.10 -11.76
C TYR B 314 -23.08 -10.57 -11.82
N PHE B 315 -23.63 -9.91 -12.87
CA PHE B 315 -23.84 -8.48 -12.95
C PHE B 315 -25.33 -8.11 -12.81
N ALA B 316 -26.18 -8.81 -13.56
CA ALA B 316 -27.60 -8.41 -13.70
C ALA B 316 -28.43 -8.60 -12.45
N PHE B 317 -27.99 -9.49 -11.55
CA PHE B 317 -28.68 -9.71 -10.28
C PHE B 317 -28.81 -8.37 -9.52
N SER B 318 -27.87 -7.42 -9.74
CA SER B 318 -27.90 -6.11 -9.03
C SER B 318 -29.11 -5.29 -9.39
N ILE B 319 -29.67 -5.51 -10.58
CA ILE B 319 -30.92 -4.81 -10.96
CA ILE B 319 -30.93 -4.83 -10.98
C ILE B 319 -32.08 -5.40 -10.14
N ILE B 320 -32.06 -6.72 -9.94
CA ILE B 320 -33.09 -7.36 -9.13
C ILE B 320 -33.00 -6.87 -7.69
N ASP B 321 -31.79 -6.80 -7.14
CA ASP B 321 -31.63 -6.28 -5.77
C ASP B 321 -32.10 -4.82 -5.70
N SER B 322 -31.92 -4.07 -6.79
CA SER B 322 -32.42 -2.67 -6.86
C SER B 322 -33.94 -2.62 -6.79
N TRP B 323 -34.61 -3.53 -7.50
CA TRP B 323 -36.06 -3.65 -7.37
C TRP B 323 -36.51 -3.95 -5.94
N PHE B 324 -35.85 -4.89 -5.28
CA PHE B 324 -36.20 -5.19 -3.91
C PHE B 324 -36.01 -3.95 -3.03
N ASP B 325 -34.91 -3.22 -3.23
CA ASP B 325 -34.68 -1.99 -2.47
C ASP B 325 -35.74 -0.95 -2.76
N MET B 326 -36.18 -0.85 -4.01
CA MET B 326 -37.28 0.08 -4.35
CA MET B 326 -37.28 0.08 -4.35
C MET B 326 -38.57 -0.27 -3.62
N TYR B 327 -38.89 -1.56 -3.53
CA TYR B 327 -40.06 -1.99 -2.80
C TYR B 327 -39.91 -1.58 -1.33
N ASP B 328 -38.72 -1.79 -0.76
CA ASP B 328 -38.47 -1.38 0.63
C ASP B 328 -38.69 0.14 0.80
N THR B 329 -38.37 0.89 -0.26
CA THR B 329 -38.48 2.35 -0.27
C THR B 329 -39.92 2.87 -0.36
N ASP B 330 -40.68 2.36 -1.33
CA ASP B 330 -41.99 2.93 -1.63
C ASP B 330 -43.18 1.99 -1.46
N LYS B 331 -42.89 0.73 -1.15
CA LYS B 331 -43.89 -0.33 -0.93
C LYS B 331 -44.79 -0.59 -2.12
N ASN B 332 -44.32 -0.24 -3.31
CA ASN B 332 -45.08 -0.50 -4.52
C ASN B 332 -44.75 -1.93 -4.98
N THR B 333 -45.77 -2.80 -5.02
CA THR B 333 -45.55 -4.19 -5.35
C THR B 333 -45.14 -4.40 -6.81
N VAL B 334 -45.30 -3.38 -7.67
CA VAL B 334 -44.80 -3.48 -9.06
C VAL B 334 -43.32 -3.89 -9.09
N TRP B 335 -42.55 -3.40 -8.13
CA TRP B 335 -41.12 -3.74 -8.08
C TRP B 335 -40.94 -5.22 -7.80
N LEU B 336 -41.79 -5.80 -6.97
CA LEU B 336 -41.71 -7.23 -6.66
C LEU B 336 -42.20 -8.05 -7.84
N THR B 337 -43.22 -7.56 -8.54
CA THR B 337 -43.64 -8.21 -9.77
C THR B 337 -42.49 -8.39 -10.76
N LYS B 338 -41.71 -7.33 -10.95
CA LYS B 338 -40.55 -7.38 -11.83
C LYS B 338 -39.52 -8.39 -11.30
N ALA B 339 -39.20 -8.31 -10.01
CA ALA B 339 -38.21 -9.21 -9.44
C ALA B 339 -38.62 -10.70 -9.57
N PHE B 340 -39.86 -11.02 -9.21
CA PHE B 340 -40.30 -12.41 -9.28
C PHE B 340 -40.32 -12.88 -10.73
N HIS B 341 -40.73 -12.01 -11.66
CA HIS B 341 -40.78 -12.40 -13.07
C HIS B 341 -39.39 -12.75 -13.60
N ALA B 342 -38.39 -11.94 -13.24
CA ALA B 342 -37.01 -12.19 -13.66
C ALA B 342 -36.47 -13.48 -13.01
N ILE B 343 -36.77 -13.69 -11.73
CA ILE B 343 -36.31 -14.88 -11.01
C ILE B 343 -37.02 -16.15 -11.54
N ASN B 344 -38.29 -16.03 -11.87
CA ASN B 344 -39.01 -17.13 -12.51
C ASN B 344 -38.36 -17.53 -13.83
N PHE B 345 -37.92 -16.54 -14.61
CA PHE B 345 -37.21 -16.81 -15.87
C PHE B 345 -35.90 -17.57 -15.63
N ILE B 346 -35.14 -17.15 -14.63
CA ILE B 346 -33.93 -17.88 -14.29
C ILE B 346 -34.22 -19.37 -14.07
N HIS B 347 -35.23 -19.69 -13.27
CA HIS B 347 -35.54 -21.09 -12.96
C HIS B 347 -36.14 -21.84 -14.14
N ASN B 348 -37.11 -21.18 -14.79
CA ASN B 348 -37.89 -21.84 -15.83
C ASN B 348 -37.22 -21.91 -17.21
N LYS B 349 -36.31 -20.96 -17.50
CA LYS B 349 -35.66 -20.90 -18.81
C LYS B 349 -34.14 -21.04 -18.80
N LEU B 350 -33.47 -20.67 -17.71
CA LEU B 350 -32.00 -20.76 -17.70
C LEU B 350 -31.44 -22.05 -17.11
N ARG B 351 -32.10 -22.57 -16.07
CA ARG B 351 -31.67 -23.83 -15.44
C ARG B 351 -31.63 -24.92 -16.50
N ASP B 352 -30.52 -25.65 -16.54
CA ASP B 352 -30.38 -26.72 -17.53
C ASP B 352 -30.88 -28.05 -16.94
N GLY B 353 -30.77 -29.11 -17.72
CA GLY B 353 -31.29 -30.41 -17.32
C GLY B 353 -30.52 -31.08 -16.20
N ASN B 354 -29.33 -30.57 -15.89
CA ASN B 354 -28.52 -31.01 -14.75
C ASN B 354 -28.58 -30.07 -13.55
N GLY B 355 -29.48 -29.09 -13.60
CA GLY B 355 -29.62 -28.12 -12.50
C GLY B 355 -28.49 -27.09 -12.44
N ARG B 356 -27.81 -26.88 -13.57
CA ARG B 356 -26.77 -25.87 -13.69
C ARG B 356 -27.27 -24.62 -14.42
N TYR B 357 -26.52 -23.53 -14.24
CA TYR B 357 -26.85 -22.23 -14.76
C TYR B 357 -25.77 -21.65 -15.67
N PRO B 358 -26.21 -20.95 -16.72
CA PRO B 358 -25.29 -20.33 -17.65
C PRO B 358 -24.71 -19.01 -17.12
N GLU B 359 -23.69 -18.54 -17.79
CA GLU B 359 -23.07 -17.28 -17.43
C GLU B 359 -24.01 -16.09 -17.63
N HIS B 360 -24.71 -16.10 -18.75
CA HIS B 360 -25.52 -14.95 -19.19
CA HIS B 360 -25.52 -14.95 -19.16
C HIS B 360 -27.01 -15.24 -18.99
N TRP B 361 -27.78 -14.20 -18.65
CA TRP B 361 -29.20 -14.35 -18.34
C TRP B 361 -30.15 -13.94 -19.46
N GLY B 362 -29.61 -13.66 -20.63
CA GLY B 362 -30.41 -13.08 -21.70
C GLY B 362 -31.23 -14.04 -22.54
N THR B 363 -30.82 -15.30 -22.63
CA THR B 363 -31.42 -16.23 -23.59
C THR B 363 -31.69 -17.59 -22.94
N PRO B 364 -32.88 -18.17 -23.20
CA PRO B 364 -33.12 -19.51 -22.63
C PRO B 364 -32.05 -20.54 -22.98
N THR B 365 -31.80 -21.43 -22.03
CA THR B 365 -30.86 -22.51 -22.21
C THR B 365 -31.50 -23.62 -23.03
N THR B 366 -30.80 -24.07 -24.06
CA THR B 366 -31.32 -25.10 -24.97
C THR B 366 -30.51 -26.39 -25.02
N SER B 367 -29.33 -26.39 -24.41
CA SER B 367 -28.56 -27.61 -24.24
C SER B 367 -27.79 -27.55 -22.92
N ASN B 368 -27.45 -28.71 -22.39
CA ASN B 368 -26.83 -28.76 -21.08
C ASN B 368 -25.41 -28.23 -21.13
N LEU B 369 -25.04 -27.53 -20.06
CA LEU B 369 -23.75 -26.88 -19.97
C LEU B 369 -22.64 -27.90 -19.70
N GLU B 370 -21.49 -27.71 -20.35
CA GLU B 370 -20.32 -28.56 -20.08
C GLU B 370 -19.32 -27.82 -19.20
N LYS B 371 -19.32 -26.49 -19.31
CA LYS B 371 -18.43 -25.66 -18.54
C LYS B 371 -19.24 -24.74 -17.63
N TYR B 372 -18.69 -24.47 -16.45
CA TYR B 372 -19.33 -23.59 -15.48
C TYR B 372 -18.29 -23.15 -14.44
N ASP B 373 -18.44 -21.94 -13.92
CA ASP B 373 -17.70 -21.52 -12.73
C ASP B 373 -18.63 -21.25 -11.57
N LEU B 374 -18.04 -21.18 -10.40
CA LEU B 374 -18.77 -21.05 -9.16
C LEU B 374 -19.79 -19.89 -9.16
N ARG B 375 -19.45 -18.77 -9.78
CA ARG B 375 -20.36 -17.62 -9.81
C ARG B 375 -21.70 -17.89 -10.43
N PHE B 376 -21.72 -18.77 -11.43
CA PHE B 376 -22.92 -18.85 -12.28
C PHE B 376 -24.14 -19.37 -11.50
N SER B 377 -23.95 -20.41 -10.68
CA SER B 377 -25.05 -20.96 -9.93
C SER B 377 -25.21 -20.30 -8.57
N THR B 378 -24.12 -19.78 -7.97
CA THR B 378 -24.27 -19.18 -6.64
C THR B 378 -25.10 -17.89 -6.72
N VAL B 379 -24.98 -17.14 -7.81
CA VAL B 379 -25.85 -15.96 -7.97
C VAL B 379 -27.32 -16.36 -8.10
N ALA B 380 -27.61 -17.47 -8.80
CA ALA B 380 -28.99 -17.95 -8.89
C ALA B 380 -29.52 -18.37 -7.53
N ALA B 381 -28.71 -19.08 -6.73
CA ALA B 381 -29.11 -19.44 -5.39
C ALA B 381 -29.45 -18.22 -4.54
N TYR B 382 -28.63 -17.17 -4.66
CA TYR B 382 -28.86 -15.94 -3.91
C TYR B 382 -30.21 -15.34 -4.31
N MET B 383 -30.48 -15.26 -5.61
CA MET B 383 -31.76 -14.74 -6.07
C MET B 383 -32.96 -15.54 -5.54
N TYR B 384 -32.83 -16.86 -5.52
CA TYR B 384 -33.91 -17.68 -5.00
C TYR B 384 -34.17 -17.41 -3.53
N MET B 385 -33.11 -17.22 -2.75
CA MET B 385 -33.30 -16.94 -1.32
C MET B 385 -33.91 -15.58 -1.09
N ARG B 386 -33.50 -14.60 -1.90
CA ARG B 386 -34.12 -13.28 -1.86
C ARG B 386 -35.60 -13.32 -2.18
N ALA B 387 -35.95 -14.03 -3.25
CA ALA B 387 -37.35 -14.24 -3.61
C ALA B 387 -38.13 -14.95 -2.49
N ALA B 388 -37.55 -15.97 -1.88
CA ALA B 388 -38.19 -16.66 -0.74
C ALA B 388 -38.50 -15.70 0.41
N ASN B 389 -37.57 -14.78 0.68
CA ASN B 389 -37.76 -13.82 1.75
C ASN B 389 -38.91 -12.86 1.43
N TYR B 390 -38.94 -12.34 0.22
CA TYR B 390 -40.01 -11.39 -0.14
C TYR B 390 -41.37 -12.06 -0.28
N LYS B 391 -41.39 -13.34 -0.65
CA LYS B 391 -42.63 -14.09 -0.65
C LYS B 391 -43.18 -14.19 0.79
N ARG B 392 -42.29 -14.48 1.74
CA ARG B 392 -42.63 -14.57 3.17
C ARG B 392 -43.16 -13.23 3.69
N ILE B 393 -42.44 -12.16 3.36
CA ILE B 393 -42.81 -10.78 3.71
C ILE B 393 -44.23 -10.45 3.20
N LEU B 394 -44.53 -10.83 1.97
CA LEU B 394 -45.84 -10.63 1.40
C LEU B 394 -46.94 -11.48 2.07
N ASN B 395 -46.63 -12.73 2.39
CA ASN B 395 -47.68 -13.62 2.94
C ASN B 395 -48.07 -13.36 4.39
C1 GOL C . 18.95 -2.47 -3.34
C1 GOL C . 19.11 -2.52 -3.59
O1 GOL C . 19.47 -1.49 -4.24
O1 GOL C . 19.69 -3.58 -4.38
C2 GOL C . 19.74 -2.47 -2.04
C2 GOL C . 19.81 -2.44 -2.24
O2 GOL C . 19.45 -3.65 -1.30
O2 GOL C . 19.48 -3.61 -1.48
C3 GOL C . 21.24 -2.37 -2.35
C3 GOL C . 21.33 -2.32 -2.44
O3 GOL C . 22.04 -2.35 -1.15
O3 GOL C . 22.03 -2.36 -1.19
C1 GOL D . 18.60 4.40 -1.60
O1 GOL D . 17.63 3.64 -2.35
C2 GOL D . 19.73 3.45 -1.19
O2 GOL D . 19.46 2.79 0.05
C3 GOL D . 19.88 2.36 -2.29
O3 GOL D . 21.18 1.74 -2.17
C1 GOL E . -14.26 -3.39 -13.37
O1 GOL E . -14.24 -2.31 -14.27
C2 GOL E . -14.23 -4.68 -14.15
O2 GOL E . -12.97 -4.75 -14.85
C3 GOL E . -15.45 -4.73 -15.06
O3 GOL E . -16.55 -3.88 -14.71
C1 GOL F . -15.45 -8.59 -8.67
O1 GOL F . -14.03 -8.41 -8.82
C2 GOL F . -16.16 -7.83 -9.79
O2 GOL F . -16.45 -6.48 -9.38
C3 GOL F . -15.36 -7.76 -11.11
O3 GOL F . -16.25 -7.47 -12.21
C1 GOL G . -23.34 -37.18 -12.86
O1 GOL G . -22.65 -37.47 -14.06
C2 GOL G . -24.11 -35.86 -12.76
O2 GOL G . -24.31 -35.14 -13.98
C3 GOL G . -23.31 -35.00 -11.79
O3 GOL G . -23.80 -35.13 -10.47
#